data_5UIA
#
_entry.id   5UIA
#
_cell.length_a   138.411
_cell.length_b   113.926
_cell.length_c   65.719
_cell.angle_alpha   90.00
_cell.angle_beta   95.10
_cell.angle_gamma   90.00
#
_symmetry.space_group_name_H-M   'C 1 2 1'
#
loop_
_entity.id
_entity.type
_entity.pdbx_description
1 polymer 'Oxidoreductase protein'
2 non-polymer NICOTINAMIDE-ADENINE-DINUCLEOTIDE
3 non-polymer '(2S)-2,3-dihydroxy-3-methylbutanoic acid'
4 non-polymer 'MAGNESIUM ION'
5 water water
#
_entity_poly.entity_id   1
_entity_poly.type   'polypeptide(L)'
_entity_poly.pdbx_seq_one_letter_code
;MNMTELKGALIGCGFFAVNQMHAWKDVKGAGIAAICDRDPKRLKLVGDQFGIERRYGDAAALFADGGFDFVDIATTVQSH
RALVEMAAAHKVPAICQKPFAKSLSDAKAMVRTCENADIPLMVHENFRWQTPIQAVKAVLESGAIGEPFWGRFSFRSGFD
VFSGQPYLAEGERFIIEDLGIHTLDIARFILGDVATLTARTKRVNPKIKGEDVATILLDHQNGATSIVDVSYATKLGTEP
FPETLIDIDGTQGTIRLSQGYRLEVTGPNGMTISDASPQLLSWASRPWHNIQESVLAIQQHWTDRLSSGGETSTSGADNL
KTFALVEAAYESAANGRTVDIGAML
;
_entity_poly.pdbx_strand_id   A,B
#
loop_
_chem_comp.id
_chem_comp.type
_chem_comp.name
_chem_comp.formula
89V non-polymer '(2S)-2,3-dihydroxy-3-methylbutanoic acid' 'C5 H10 O4'
MG non-polymer 'MAGNESIUM ION' 'Mg 2'
NAD non-polymer NICOTINAMIDE-ADENINE-DINUCLEOTIDE 'C21 H27 N7 O14 P2'
#
# COMPACT_ATOMS: atom_id res chain seq x y z
N THR A 4 -24.42 -35.05 -21.55
CA THR A 4 -25.14 -34.29 -22.64
C THR A 4 -24.54 -32.89 -22.87
N GLU A 5 -24.83 -32.32 -24.03
CA GLU A 5 -24.07 -31.20 -24.59
C GLU A 5 -24.91 -29.90 -24.58
N LEU A 6 -24.55 -28.97 -23.68
CA LEU A 6 -25.21 -27.67 -23.57
C LEU A 6 -24.86 -26.78 -24.78
N LYS A 7 -25.84 -25.98 -25.22
CA LYS A 7 -25.70 -25.13 -26.42
C LYS A 7 -25.78 -23.65 -26.04
N GLY A 8 -24.73 -22.89 -26.36
CA GLY A 8 -24.64 -21.48 -25.98
C GLY A 8 -24.83 -20.53 -27.14
N ALA A 9 -25.37 -19.36 -26.85
CA ALA A 9 -25.33 -18.25 -27.80
C ALA A 9 -24.43 -17.17 -27.21
N LEU A 10 -23.46 -16.69 -27.99
CA LEU A 10 -22.63 -15.57 -27.57
C LEU A 10 -23.07 -14.29 -28.25
N ILE A 11 -23.41 -13.29 -27.45
CA ILE A 11 -23.75 -11.96 -27.94
C ILE A 11 -22.60 -10.99 -27.67
N GLY A 12 -22.08 -10.41 -28.75
CA GLY A 12 -20.97 -9.45 -28.71
C GLY A 12 -19.65 -10.09 -29.13
N CYS A 13 -19.42 -10.16 -30.44
CA CYS A 13 -18.25 -10.86 -31.02
C CYS A 13 -17.01 -9.99 -31.14
N GLY A 14 -16.62 -9.36 -30.03
CA GLY A 14 -15.57 -8.35 -30.06
C GLY A 14 -14.18 -8.87 -29.78
N PHE A 15 -13.33 -7.96 -29.30
CA PHE A 15 -11.93 -8.24 -29.02
C PHE A 15 -11.79 -9.39 -28.00
N PHE A 16 -12.43 -9.26 -26.84
CA PHE A 16 -12.33 -10.30 -25.81
C PHE A 16 -13.16 -11.58 -26.08
N ALA A 17 -14.26 -11.46 -26.80
CA ALA A 17 -15.11 -12.62 -27.12
C ALA A 17 -14.36 -13.75 -27.82
N VAL A 18 -13.32 -13.40 -28.58
CA VAL A 18 -12.50 -14.37 -29.29
C VAL A 18 -11.90 -15.37 -28.30
N ASN A 19 -11.46 -14.88 -27.14
CA ASN A 19 -10.91 -15.75 -26.08
C ASN A 19 -11.98 -16.66 -25.50
N GLN A 20 -13.17 -16.11 -25.28
CA GLN A 20 -14.31 -16.87 -24.78
C GLN A 20 -14.74 -17.97 -25.76
N MET A 21 -14.67 -17.68 -27.07
CA MET A 21 -15.00 -18.68 -28.12
C MET A 21 -13.96 -19.83 -28.18
N HIS A 22 -12.67 -19.49 -28.10
CA HIS A 22 -11.63 -20.52 -27.97
C HIS A 22 -11.91 -21.38 -26.75
N ALA A 23 -12.24 -20.75 -25.62
CA ALA A 23 -12.45 -21.47 -24.36
C ALA A 23 -13.70 -22.36 -24.37
N TRP A 24 -14.78 -21.87 -24.97
CA TRP A 24 -16.00 -22.67 -25.15
C TRP A 24 -15.75 -23.96 -25.93
N LYS A 25 -14.91 -23.88 -26.96
CA LYS A 25 -14.42 -25.08 -27.66
C LYS A 25 -13.77 -26.06 -26.68
N ASP A 26 -12.84 -25.58 -25.86
CA ASP A 26 -12.17 -26.39 -24.83
C ASP A 26 -13.06 -26.91 -23.70
N VAL A 27 -14.14 -26.19 -23.36
CA VAL A 27 -15.01 -26.60 -22.25
C VAL A 27 -15.64 -27.98 -22.50
N LYS A 28 -15.55 -28.86 -21.50
CA LYS A 28 -16.25 -30.16 -21.52
C LYS A 28 -17.72 -29.97 -21.11
N GLY A 29 -18.64 -30.33 -22.02
CA GLY A 29 -20.08 -30.32 -21.76
C GLY A 29 -20.85 -29.11 -22.28
N ALA A 30 -20.18 -28.22 -23.02
CA ALA A 30 -20.83 -27.05 -23.59
C ALA A 30 -20.15 -26.60 -24.89
N GLY A 31 -20.93 -25.96 -25.74
CA GLY A 31 -20.46 -25.44 -27.03
C GLY A 31 -21.32 -24.28 -27.50
N ILE A 32 -20.80 -23.50 -28.44
CA ILE A 32 -21.49 -22.32 -28.94
C ILE A 32 -22.20 -22.70 -30.23
N ALA A 33 -23.54 -22.56 -30.23
CA ALA A 33 -24.39 -22.92 -31.37
C ALA A 33 -24.79 -21.71 -32.23
N ALA A 34 -24.69 -20.50 -31.67
CA ALA A 34 -25.04 -19.27 -32.39
C ALA A 34 -24.27 -18.07 -31.85
N ILE A 35 -24.03 -17.09 -32.71
CA ILE A 35 -23.38 -15.84 -32.33
C ILE A 35 -24.20 -14.64 -32.83
N CYS A 36 -23.98 -13.50 -32.17
CA CYS A 36 -24.68 -12.28 -32.49
C CYS A 36 -23.76 -11.06 -32.38
N ASP A 37 -23.82 -10.16 -33.35
CA ASP A 37 -23.13 -8.86 -33.25
C ASP A 37 -23.80 -7.85 -34.21
N ARG A 38 -23.99 -6.62 -33.74
CA ARG A 38 -24.50 -5.52 -34.59
C ARG A 38 -23.59 -5.19 -35.77
N ASP A 39 -22.29 -5.43 -35.59
CA ASP A 39 -21.27 -5.18 -36.60
C ASP A 39 -21.12 -6.43 -37.46
N PRO A 40 -21.51 -6.35 -38.75
CA PRO A 40 -21.39 -7.55 -39.60
C PRO A 40 -19.94 -7.96 -39.93
N LYS A 41 -18.99 -7.03 -39.87
CA LYS A 41 -17.57 -7.38 -40.02
C LYS A 41 -17.08 -8.33 -38.90
N ARG A 42 -17.54 -8.11 -37.66
CA ARG A 42 -17.18 -8.97 -36.53
C ARG A 42 -17.92 -10.30 -36.53
N LEU A 43 -19.20 -10.24 -36.89
CA LEU A 43 -20.02 -11.44 -37.05
C LEU A 43 -19.38 -12.41 -38.05
N LYS A 44 -18.90 -11.88 -39.18
CA LYS A 44 -18.23 -12.66 -40.22
C LYS A 44 -16.85 -13.21 -39.78
N LEU A 45 -16.06 -12.36 -39.13
CA LEU A 45 -14.70 -12.74 -38.71
C LEU A 45 -14.75 -13.89 -37.70
N VAL A 46 -15.53 -13.72 -36.65
CA VAL A 46 -15.68 -14.72 -35.58
C VAL A 46 -16.45 -15.96 -36.05
N GLY A 47 -17.50 -15.76 -36.85
CA GLY A 47 -18.27 -16.87 -37.41
C GLY A 47 -17.42 -17.82 -38.25
N ASP A 48 -16.58 -17.25 -39.12
CA ASP A 48 -15.69 -18.03 -39.97
C ASP A 48 -14.59 -18.70 -39.15
N GLN A 49 -13.92 -17.93 -38.29
CA GLN A 49 -12.87 -18.47 -37.43
C GLN A 49 -13.32 -19.69 -36.62
N PHE A 50 -14.50 -19.63 -36.02
CA PHE A 50 -14.98 -20.70 -35.12
C PHE A 50 -16.03 -21.64 -35.76
N GLY A 51 -16.25 -21.52 -37.06
CA GLY A 51 -17.17 -22.41 -37.79
C GLY A 51 -18.59 -22.39 -37.28
N ILE A 52 -19.13 -21.19 -37.06
CA ILE A 52 -20.46 -21.01 -36.49
C ILE A 52 -21.46 -20.64 -37.62
N GLU A 53 -22.45 -21.50 -37.85
CA GLU A 53 -23.38 -21.34 -38.96
C GLU A 53 -24.46 -20.29 -38.66
N ARG A 54 -25.06 -20.37 -37.47
CA ARG A 54 -26.12 -19.45 -37.06
C ARG A 54 -25.56 -18.12 -36.61
N ARG A 55 -25.90 -17.06 -37.34
CA ARG A 55 -25.33 -15.73 -37.15
C ARG A 55 -26.41 -14.68 -37.18
N TYR A 56 -26.54 -13.87 -36.12
CA TYR A 56 -27.58 -12.84 -36.00
C TYR A 56 -27.02 -11.42 -35.92
N GLY A 57 -27.68 -10.49 -36.63
CA GLY A 57 -27.37 -9.07 -36.56
C GLY A 57 -28.01 -8.34 -35.38
N ASP A 58 -28.96 -8.98 -34.69
CA ASP A 58 -29.54 -8.41 -33.45
C ASP A 58 -30.03 -9.48 -32.47
N ALA A 59 -29.85 -9.18 -31.18
CA ALA A 59 -30.15 -10.12 -30.11
C ALA A 59 -31.64 -10.50 -30.03
N ALA A 60 -32.52 -9.53 -30.28
CA ALA A 60 -33.97 -9.80 -30.29
C ALA A 60 -34.36 -10.99 -31.19
N ALA A 61 -33.82 -11.01 -32.41
CA ALA A 61 -34.04 -12.11 -33.36
C ALA A 61 -33.41 -13.43 -32.91
N LEU A 62 -32.19 -13.37 -32.35
CA LEU A 62 -31.54 -14.55 -31.75
C LEU A 62 -32.45 -15.20 -30.70
N PHE A 63 -32.97 -14.40 -29.77
CA PHE A 63 -33.87 -14.90 -28.72
C PHE A 63 -35.22 -15.39 -29.27
N ALA A 64 -35.72 -14.75 -30.33
CA ALA A 64 -36.96 -15.17 -30.99
C ALA A 64 -36.86 -16.60 -31.56
N ASP A 65 -35.76 -16.88 -32.25
CA ASP A 65 -35.51 -18.23 -32.82
C ASP A 65 -35.20 -19.29 -31.76
N GLY A 66 -34.55 -18.89 -30.67
CA GLY A 66 -34.22 -19.81 -29.57
C GLY A 66 -33.18 -20.84 -29.98
N GLY A 67 -33.29 -22.04 -29.40
CA GLY A 67 -32.39 -23.14 -29.72
C GLY A 67 -31.12 -23.22 -28.88
N PHE A 68 -31.06 -22.53 -27.74
CA PHE A 68 -29.85 -22.52 -26.89
C PHE A 68 -30.17 -22.55 -25.38
N ASP A 69 -29.34 -23.26 -24.64
CA ASP A 69 -29.55 -23.49 -23.21
C ASP A 69 -29.00 -22.38 -22.33
N PHE A 70 -28.13 -21.54 -22.87
CA PHE A 70 -27.60 -20.40 -22.13
C PHE A 70 -27.07 -19.32 -23.08
N VAL A 71 -26.93 -18.12 -22.54
CA VAL A 71 -26.40 -16.99 -23.30
C VAL A 71 -25.18 -16.39 -22.62
N ASP A 72 -24.23 -15.94 -23.45
CA ASP A 72 -22.96 -15.40 -23.02
C ASP A 72 -22.80 -13.96 -23.57
N ILE A 73 -23.00 -12.99 -22.69
CA ILE A 73 -23.02 -11.59 -23.05
C ILE A 73 -21.62 -10.99 -22.88
N ALA A 74 -20.96 -10.80 -24.02
CA ALA A 74 -19.63 -10.24 -24.10
C ALA A 74 -19.61 -8.85 -24.76
N THR A 75 -20.75 -8.15 -24.73
CA THR A 75 -20.81 -6.78 -25.24
C THR A 75 -20.21 -5.82 -24.21
N THR A 76 -20.05 -4.56 -24.63
CA THR A 76 -19.70 -3.46 -23.72
C THR A 76 -20.89 -3.17 -22.78
N VAL A 77 -20.60 -2.46 -21.70
CA VAL A 77 -21.56 -2.22 -20.58
C VAL A 77 -22.95 -1.66 -20.97
N GLN A 78 -23.01 -0.84 -22.02
CA GLN A 78 -24.22 -0.14 -22.43
C GLN A 78 -25.41 -1.07 -22.70
N SER A 79 -25.16 -2.27 -23.20
CA SER A 79 -26.22 -3.19 -23.55
C SER A 79 -26.47 -4.30 -22.52
N HIS A 80 -25.73 -4.31 -21.40
CA HIS A 80 -25.80 -5.44 -20.45
C HIS A 80 -27.17 -5.66 -19.83
N ARG A 81 -27.78 -4.57 -19.36
CA ARG A 81 -29.06 -4.65 -18.66
C ARG A 81 -30.13 -5.16 -19.60
N ALA A 82 -30.19 -4.58 -20.79
CA ALA A 82 -31.16 -4.98 -21.81
C ALA A 82 -31.05 -6.47 -22.14
N LEU A 83 -29.81 -6.93 -22.34
CA LEU A 83 -29.57 -8.30 -22.77
C LEU A 83 -29.86 -9.33 -21.68
N VAL A 84 -29.56 -8.99 -20.42
CA VAL A 84 -29.91 -9.84 -19.28
C VAL A 84 -31.43 -9.91 -19.11
N GLU A 85 -32.10 -8.76 -19.25
CA GLU A 85 -33.56 -8.69 -19.20
C GLU A 85 -34.24 -9.54 -20.30
N MET A 86 -33.70 -9.48 -21.52
CA MET A 86 -34.13 -10.34 -22.63
C MET A 86 -33.94 -11.83 -22.29
N ALA A 87 -32.80 -12.15 -21.68
CA ALA A 87 -32.50 -13.49 -21.22
C ALA A 87 -33.52 -13.98 -20.19
N ALA A 88 -33.79 -13.16 -19.16
CA ALA A 88 -34.77 -13.51 -18.12
C ALA A 88 -36.19 -13.70 -18.66
N ALA A 89 -36.59 -12.84 -19.60
CA ALA A 89 -37.91 -12.93 -20.23
C ALA A 89 -38.06 -14.23 -21.00
N HIS A 90 -36.98 -14.65 -21.66
CA HIS A 90 -36.95 -15.92 -22.41
C HIS A 90 -36.51 -17.15 -21.58
N LYS A 91 -36.34 -16.98 -20.27
CA LYS A 91 -35.86 -18.01 -19.35
C LYS A 91 -34.59 -18.70 -19.84
N VAL A 92 -33.61 -17.90 -20.30
CA VAL A 92 -32.31 -18.38 -20.75
C VAL A 92 -31.25 -17.97 -19.72
N PRO A 93 -30.57 -18.96 -19.11
CA PRO A 93 -29.48 -18.69 -18.18
C PRO A 93 -28.39 -17.83 -18.82
N ALA A 94 -27.89 -16.84 -18.06
CA ALA A 94 -27.06 -15.78 -18.63
C ALA A 94 -25.72 -15.58 -17.92
N ILE A 95 -24.67 -15.48 -18.74
CA ILE A 95 -23.39 -14.95 -18.33
C ILE A 95 -23.29 -13.52 -18.87
N CYS A 96 -22.81 -12.60 -18.02
CA CYS A 96 -22.64 -11.20 -18.39
C CYS A 96 -21.23 -10.72 -18.04
N GLN A 97 -20.54 -10.17 -19.03
CA GLN A 97 -19.23 -9.58 -18.80
C GLN A 97 -19.28 -8.42 -17.80
N LYS A 98 -18.11 -8.12 -17.23
CA LYS A 98 -17.93 -6.95 -16.41
C LYS A 98 -17.63 -5.74 -17.34
N PRO A 99 -17.74 -4.51 -16.84
CA PRO A 99 -18.46 -4.18 -15.59
C PRO A 99 -19.95 -4.59 -15.70
N PHE A 100 -20.47 -5.19 -14.63
CA PHE A 100 -21.82 -5.79 -14.60
C PHE A 100 -22.85 -4.86 -15.23
N ALA A 101 -22.94 -3.64 -14.71
CA ALA A 101 -23.85 -2.63 -15.24
C ALA A 101 -23.25 -1.23 -15.10
N LYS A 102 -24.00 -0.22 -15.54
CA LYS A 102 -23.59 1.18 -15.44
C LYS A 102 -23.71 1.74 -14.01
N SER A 103 -24.58 1.14 -13.20
CA SER A 103 -24.74 1.54 -11.79
C SER A 103 -25.17 0.35 -10.92
N LEU A 104 -25.07 0.54 -9.61
CA LEU A 104 -25.50 -0.47 -8.64
C LEU A 104 -27.00 -0.77 -8.74
N SER A 105 -27.80 0.28 -9.01
CA SER A 105 -29.25 0.17 -9.28
C SER A 105 -29.59 -0.75 -10.45
N ASP A 106 -28.91 -0.55 -11.57
CA ASP A 106 -29.11 -1.41 -12.73
C ASP A 106 -28.72 -2.84 -12.38
N ALA A 107 -27.61 -2.98 -11.65
CA ALA A 107 -27.12 -4.29 -11.24
C ALA A 107 -28.15 -5.02 -10.38
N LYS A 108 -28.73 -4.32 -9.40
CA LYS A 108 -29.74 -4.91 -8.51
C LYS A 108 -31.01 -5.32 -9.25
N ALA A 109 -31.46 -4.46 -10.17
CA ALA A 109 -32.63 -4.76 -11.00
C ALA A 109 -32.36 -5.97 -11.88
N MET A 110 -31.16 -6.08 -12.42
CA MET A 110 -30.76 -7.25 -13.20
C MET A 110 -30.75 -8.54 -12.36
N VAL A 111 -30.20 -8.47 -11.15
CA VAL A 111 -30.23 -9.61 -10.22
C VAL A 111 -31.66 -9.97 -9.84
N ARG A 112 -32.46 -8.95 -9.52
CA ARG A 112 -33.86 -9.14 -9.13
C ARG A 112 -34.65 -9.86 -10.24
N THR A 113 -34.51 -9.38 -11.48
CA THR A 113 -35.21 -9.94 -12.63
C THR A 113 -34.86 -11.40 -12.89
N CYS A 114 -33.57 -11.76 -12.78
CA CYS A 114 -33.15 -13.15 -13.00
C CYS A 114 -33.63 -14.09 -11.89
N GLU A 115 -33.64 -13.61 -10.64
CA GLU A 115 -34.21 -14.37 -9.52
C GLU A 115 -35.71 -14.62 -9.72
N ASN A 116 -36.45 -13.58 -10.12
CA ASN A 116 -37.88 -13.69 -10.40
C ASN A 116 -38.19 -14.67 -11.54
N ALA A 117 -37.32 -14.73 -12.55
CA ALA A 117 -37.46 -15.70 -13.66
C ALA A 117 -36.84 -17.08 -13.35
N ASP A 118 -36.22 -17.23 -12.19
CA ASP A 118 -35.60 -18.49 -11.75
C ASP A 118 -34.55 -19.04 -12.74
N ILE A 119 -33.69 -18.14 -13.25
CA ILE A 119 -32.55 -18.52 -14.09
C ILE A 119 -31.25 -18.10 -13.41
N PRO A 120 -30.18 -18.91 -13.56
CA PRO A 120 -28.87 -18.45 -13.08
C PRO A 120 -28.36 -17.23 -13.84
N LEU A 121 -27.64 -16.37 -13.13
CA LEU A 121 -26.94 -15.22 -13.69
C LEU A 121 -25.53 -15.17 -13.07
N MET A 122 -24.49 -15.26 -13.90
CA MET A 122 -23.10 -15.19 -13.44
C MET A 122 -22.43 -14.01 -14.12
N VAL A 123 -21.69 -13.20 -13.35
CA VAL A 123 -20.85 -12.19 -13.96
C VAL A 123 -19.55 -12.87 -14.33
N HIS A 124 -19.09 -12.63 -15.57
CA HIS A 124 -17.80 -13.14 -16.01
C HIS A 124 -16.73 -12.27 -15.37
N GLU A 125 -16.39 -12.60 -14.14
CA GLU A 125 -15.35 -11.91 -13.37
C GLU A 125 -14.23 -12.93 -13.17
N ASN A 126 -13.21 -12.88 -14.05
CA ASN A 126 -12.26 -14.01 -14.19
C ASN A 126 -10.94 -13.90 -13.40
N PHE A 127 -10.66 -12.75 -12.80
CA PHE A 127 -9.38 -12.55 -12.10
C PHE A 127 -9.20 -13.49 -10.91
N ARG A 128 -10.26 -13.68 -10.12
CA ARG A 128 -10.21 -14.66 -9.00
C ARG A 128 -10.04 -16.11 -9.46
N TRP A 129 -10.33 -16.39 -10.72
CA TRP A 129 -10.13 -17.73 -11.31
C TRP A 129 -8.72 -17.97 -11.89
N GLN A 130 -7.85 -16.95 -11.86
CA GLN A 130 -6.43 -17.12 -12.23
C GLN A 130 -5.77 -18.09 -11.26
N THR A 131 -4.87 -18.92 -11.77
CA THR A 131 -4.14 -19.90 -10.93
C THR A 131 -3.39 -19.28 -9.70
N PRO A 132 -2.64 -18.19 -9.88
CA PRO A 132 -1.98 -17.60 -8.70
C PRO A 132 -2.95 -17.11 -7.61
N ILE A 133 -4.14 -16.62 -8.01
CA ILE A 133 -5.11 -16.08 -7.05
C ILE A 133 -5.79 -17.23 -6.30
N GLN A 134 -6.13 -18.28 -7.03
CA GLN A 134 -6.60 -19.55 -6.44
C GLN A 134 -5.62 -20.08 -5.42
N ALA A 135 -4.33 -20.04 -5.75
CA ALA A 135 -3.29 -20.57 -4.84
C ALA A 135 -3.16 -19.74 -3.54
N VAL A 136 -3.30 -18.43 -3.64
CA VAL A 136 -3.30 -17.57 -2.45
C VAL A 136 -4.48 -17.95 -1.55
N LYS A 137 -5.65 -18.13 -2.17
CA LYS A 137 -6.86 -18.53 -1.46
C LYS A 137 -6.70 -19.89 -0.75
N ALA A 138 -6.18 -20.87 -1.49
CA ALA A 138 -5.94 -22.22 -0.94
C ALA A 138 -5.02 -22.17 0.28
N VAL A 139 -3.93 -21.42 0.16
CA VAL A 139 -2.95 -21.31 1.26
C VAL A 139 -3.59 -20.69 2.50
N LEU A 140 -4.32 -19.61 2.31
CA LEU A 140 -4.95 -18.91 3.42
C LEU A 140 -6.02 -19.80 4.09
N GLU A 141 -6.90 -20.38 3.29
CA GLU A 141 -7.94 -21.33 3.77
C GLU A 141 -7.38 -22.52 4.56
N SER A 142 -6.27 -23.09 4.11
CA SER A 142 -5.59 -24.20 4.81
C SER A 142 -5.24 -23.94 6.29
N GLY A 143 -5.06 -22.68 6.67
CA GLY A 143 -4.64 -22.30 8.03
C GLY A 143 -3.15 -22.07 8.16
N ALA A 144 -2.40 -22.09 7.05
CA ALA A 144 -0.94 -22.00 7.07
C ALA A 144 -0.39 -20.77 7.78
N ILE A 145 -1.09 -19.65 7.70
CA ILE A 145 -0.61 -18.38 8.27
C ILE A 145 -1.51 -17.80 9.35
N GLY A 146 -2.43 -18.60 9.89
CA GLY A 146 -3.32 -18.14 10.95
C GLY A 146 -4.41 -17.25 10.37
N GLU A 147 -4.96 -16.37 11.21
CA GLU A 147 -6.03 -15.46 10.80
C GLU A 147 -5.42 -14.27 10.05
N PRO A 148 -5.91 -13.95 8.84
CA PRO A 148 -5.39 -12.77 8.14
C PRO A 148 -5.83 -11.47 8.81
N PHE A 149 -4.89 -10.53 9.02
CA PHE A 149 -5.23 -9.20 9.54
C PHE A 149 -4.92 -8.01 8.60
N TRP A 150 -4.08 -8.21 7.59
CA TRP A 150 -3.69 -7.13 6.68
C TRP A 150 -3.41 -7.67 5.29
N GLY A 151 -3.81 -6.91 4.27
CA GLY A 151 -3.47 -7.27 2.90
C GLY A 151 -3.10 -6.10 1.98
N ARG A 152 -2.37 -6.41 0.92
CA ARG A 152 -2.17 -5.50 -0.20
C ARG A 152 -2.44 -6.23 -1.51
N PHE A 153 -3.26 -5.62 -2.36
CA PHE A 153 -3.59 -6.14 -3.67
C PHE A 153 -3.21 -5.10 -4.73
N SER A 154 -2.20 -5.40 -5.55
CA SER A 154 -1.58 -4.40 -6.42
C SER A 154 -1.56 -4.80 -7.91
N PHE A 155 -1.98 -3.88 -8.77
CA PHE A 155 -1.84 -4.02 -10.22
C PHE A 155 -1.35 -2.66 -10.70
N ARG A 156 -0.04 -2.55 -10.89
CA ARG A 156 0.60 -1.33 -11.40
C ARG A 156 1.30 -1.68 -12.71
N SER A 157 0.90 -1.00 -13.78
CA SER A 157 1.35 -1.32 -15.14
C SER A 157 1.54 -0.05 -15.97
N GLY A 158 2.35 -0.16 -17.03
CA GLY A 158 2.40 0.84 -18.11
C GLY A 158 2.05 0.25 -19.47
N PHE A 159 1.36 -0.90 -19.48
CA PHE A 159 1.01 -1.60 -20.72
C PHE A 159 -0.03 -0.81 -21.51
N ASP A 160 0.12 -0.78 -22.84
CA ASP A 160 -0.78 -0.03 -23.71
C ASP A 160 -2.06 -0.86 -23.98
N VAL A 161 -2.96 -0.86 -23.00
CA VAL A 161 -4.29 -1.51 -23.11
C VAL A 161 -5.21 -0.83 -24.10
N PHE A 162 -4.90 0.42 -24.43
CA PHE A 162 -5.79 1.26 -25.23
C PHE A 162 -5.84 0.84 -26.70
N SER A 163 -4.82 0.13 -27.19
CA SER A 163 -4.80 -0.38 -28.58
C SER A 163 -5.87 -1.43 -28.80
N GLY A 164 -5.83 -2.47 -27.97
CA GLY A 164 -6.80 -3.55 -28.02
C GLY A 164 -8.20 -3.13 -27.58
N GLN A 165 -8.28 -2.12 -26.71
CA GLN A 165 -9.54 -1.65 -26.11
C GLN A 165 -9.65 -0.10 -26.17
N PRO A 166 -9.86 0.47 -27.38
CA PRO A 166 -9.91 1.94 -27.60
C PRO A 166 -10.87 2.74 -26.70
N TYR A 167 -12.05 2.16 -26.43
CA TYR A 167 -13.05 2.75 -25.51
C TYR A 167 -12.52 3.17 -24.11
N LEU A 168 -11.51 2.48 -23.61
CA LEU A 168 -10.90 2.79 -22.31
C LEU A 168 -10.34 4.22 -22.21
N ALA A 169 -9.86 4.78 -23.32
CA ALA A 169 -9.37 6.17 -23.35
C ALA A 169 -10.48 7.24 -23.43
N GLU A 170 -11.73 6.84 -23.67
CA GLU A 170 -12.81 7.78 -24.00
C GLU A 170 -13.74 8.16 -22.82
N GLY A 171 -13.93 7.26 -21.86
CA GLY A 171 -14.81 7.52 -20.72
C GLY A 171 -14.24 8.45 -19.65
N GLU A 172 -15.14 9.16 -18.96
CA GLU A 172 -14.80 9.96 -17.77
C GLU A 172 -14.37 9.05 -16.62
N ARG A 173 -14.91 7.83 -16.57
CA ARG A 173 -14.44 6.77 -15.67
C ARG A 173 -13.58 5.77 -16.44
N PHE A 174 -12.41 5.43 -15.89
CA PHE A 174 -11.52 4.44 -16.49
C PHE A 174 -11.11 3.34 -15.49
N ILE A 175 -10.05 3.56 -14.72
CA ILE A 175 -9.31 2.44 -14.13
C ILE A 175 -10.05 1.64 -13.06
N ILE A 176 -10.84 2.28 -12.20
CA ILE A 176 -11.55 1.54 -11.17
C ILE A 176 -12.63 0.68 -11.82
N GLU A 177 -13.38 1.25 -12.77
CA GLU A 177 -14.42 0.53 -13.51
C GLU A 177 -13.87 -0.62 -14.37
N ASP A 178 -12.74 -0.38 -15.04
CA ASP A 178 -12.15 -1.39 -15.92
C ASP A 178 -11.36 -2.46 -15.17
N LEU A 179 -10.48 -2.03 -14.26
CA LEU A 179 -9.48 -2.90 -13.63
C LEU A 179 -9.66 -3.06 -12.13
N GLY A 180 -9.82 -1.94 -11.42
CA GLY A 180 -10.10 -1.95 -9.99
C GLY A 180 -11.26 -2.86 -9.64
N ILE A 181 -12.21 -3.00 -10.55
CA ILE A 181 -13.33 -3.92 -10.39
C ILE A 181 -12.81 -5.33 -10.09
N HIS A 182 -11.78 -5.76 -10.83
CA HIS A 182 -11.14 -7.05 -10.60
C HIS A 182 -10.39 -7.10 -9.27
N THR A 183 -9.59 -6.07 -8.99
CA THR A 183 -8.70 -6.07 -7.82
C THR A 183 -9.52 -6.05 -6.53
N LEU A 184 -10.61 -5.31 -6.55
CA LEU A 184 -11.57 -5.26 -5.46
C LEU A 184 -12.29 -6.60 -5.27
N ASP A 185 -12.61 -7.26 -6.38
CA ASP A 185 -13.19 -8.59 -6.33
C ASP A 185 -12.23 -9.57 -5.67
N ILE A 186 -10.95 -9.46 -6.03
CA ILE A 186 -9.91 -10.30 -5.41
C ILE A 186 -9.85 -10.02 -3.89
N ALA A 187 -9.92 -8.75 -3.50
CA ALA A 187 -9.86 -8.39 -2.08
C ALA A 187 -10.98 -9.05 -1.27
N ARG A 188 -12.19 -9.03 -1.82
CA ARG A 188 -13.35 -9.72 -1.24
C ARG A 188 -13.18 -11.24 -1.21
N PHE A 189 -12.69 -11.79 -2.32
CA PHE A 189 -12.45 -13.22 -2.47
C PHE A 189 -11.49 -13.73 -1.40
N ILE A 190 -10.38 -13.01 -1.21
CA ILE A 190 -9.35 -13.39 -0.23
C ILE A 190 -9.72 -13.05 1.22
N LEU A 191 -10.14 -11.81 1.48
CA LEU A 191 -10.30 -11.30 2.86
C LEU A 191 -11.74 -11.06 3.30
N GLY A 192 -12.72 -11.39 2.45
CA GLY A 192 -14.14 -11.26 2.80
C GLY A 192 -14.69 -9.89 2.50
N ASP A 193 -16.00 -9.74 2.72
CA ASP A 193 -16.71 -8.49 2.40
C ASP A 193 -16.23 -7.29 3.20
N VAL A 194 -16.48 -6.12 2.62
CA VAL A 194 -15.97 -4.84 3.10
C VAL A 194 -17.12 -4.10 3.80
N ALA A 195 -16.81 -3.44 4.91
CA ALA A 195 -17.77 -2.60 5.67
C ALA A 195 -17.66 -1.13 5.25
N THR A 196 -16.42 -0.62 5.25
CA THR A 196 -16.15 0.76 4.84
C THR A 196 -14.94 0.84 3.91
N LEU A 197 -14.87 1.94 3.18
CA LEU A 197 -13.94 2.11 2.06
C LEU A 197 -13.59 3.59 1.86
N THR A 198 -12.32 3.87 1.57
CA THR A 198 -11.85 5.23 1.26
C THR A 198 -10.95 5.18 0.04
N ALA A 199 -11.14 6.11 -0.90
CA ALA A 199 -10.48 6.04 -2.20
C ALA A 199 -9.97 7.38 -2.66
N ARG A 200 -8.91 7.34 -3.45
CA ARG A 200 -8.30 8.51 -4.07
C ARG A 200 -7.99 8.16 -5.51
N THR A 201 -8.22 9.10 -6.42
CA THR A 201 -7.93 8.91 -7.83
C THR A 201 -7.25 10.13 -8.45
N LYS A 202 -6.61 9.90 -9.59
CA LYS A 202 -5.75 10.86 -10.26
C LYS A 202 -5.72 10.52 -11.75
N ARG A 203 -5.61 11.54 -12.61
CA ARG A 203 -5.28 11.32 -14.04
C ARG A 203 -3.87 11.82 -14.31
N VAL A 204 -2.98 10.91 -14.71
CA VAL A 204 -1.59 11.22 -15.09
C VAL A 204 -1.43 11.30 -16.61
N ASN A 205 -1.92 10.29 -17.32
CA ASN A 205 -1.80 10.21 -18.78
C ASN A 205 -2.59 11.37 -19.43
N PRO A 206 -1.91 12.22 -20.22
CA PRO A 206 -2.64 13.31 -20.88
C PRO A 206 -3.47 12.94 -22.12
N LYS A 207 -3.31 11.73 -22.67
CA LYS A 207 -4.07 11.29 -23.86
C LYS A 207 -5.40 10.55 -23.56
N ILE A 208 -5.87 10.58 -22.31
CA ILE A 208 -7.14 9.93 -21.92
C ILE A 208 -8.05 10.89 -21.14
N LYS A 209 -9.34 10.56 -21.07
CA LYS A 209 -10.34 11.37 -20.38
C LYS A 209 -10.55 10.97 -18.91
N GLY A 210 -10.09 9.78 -18.51
CA GLY A 210 -10.46 9.19 -17.23
C GLY A 210 -9.33 9.04 -16.24
N GLU A 211 -9.66 8.60 -15.03
CA GLU A 211 -8.67 8.37 -13.98
C GLU A 211 -7.89 7.07 -14.27
N ASP A 212 -6.57 7.14 -14.15
CA ASP A 212 -5.72 5.98 -14.40
C ASP A 212 -4.85 5.54 -13.20
N VAL A 213 -5.06 6.18 -12.05
CA VAL A 213 -4.40 5.78 -10.80
C VAL A 213 -5.49 5.81 -9.74
N ALA A 214 -5.64 4.72 -8.97
CA ALA A 214 -6.58 4.69 -7.85
C ALA A 214 -5.96 3.94 -6.68
N THR A 215 -6.13 4.49 -5.48
CA THR A 215 -5.64 3.90 -4.25
C THR A 215 -6.82 3.83 -3.30
N ILE A 216 -7.06 2.64 -2.76
CA ILE A 216 -8.28 2.34 -2.01
C ILE A 216 -7.88 1.65 -0.70
N LEU A 217 -8.38 2.17 0.42
CA LEU A 217 -8.16 1.60 1.75
C LEU A 217 -9.45 0.87 2.20
N LEU A 218 -9.38 -0.44 2.43
CA LEU A 218 -10.56 -1.24 2.80
C LEU A 218 -10.56 -1.65 4.27
N ASP A 219 -11.70 -1.46 4.94
CA ASP A 219 -11.95 -2.04 6.26
C ASP A 219 -12.87 -3.24 6.07
N HIS A 220 -12.32 -4.44 6.21
CA HIS A 220 -13.07 -5.67 6.01
C HIS A 220 -13.94 -5.97 7.24
N GLN A 221 -15.08 -6.62 7.02
CA GLN A 221 -16.01 -6.94 8.11
C GLN A 221 -15.34 -7.80 9.19
N ASN A 222 -14.47 -8.73 8.78
CA ASN A 222 -13.72 -9.59 9.73
C ASN A 222 -12.64 -8.90 10.57
N GLY A 223 -12.44 -7.58 10.38
CA GLY A 223 -11.44 -6.85 11.13
C GLY A 223 -10.17 -6.55 10.34
N ALA A 224 -9.96 -7.23 9.22
CA ALA A 224 -8.78 -6.98 8.37
C ALA A 224 -8.81 -5.62 7.67
N THR A 225 -7.62 -5.05 7.50
CA THR A 225 -7.38 -3.86 6.69
C THR A 225 -6.67 -4.30 5.42
N SER A 226 -7.11 -3.82 4.26
CA SER A 226 -6.37 -4.01 3.02
C SER A 226 -6.18 -2.74 2.20
N ILE A 227 -5.16 -2.77 1.35
CA ILE A 227 -4.88 -1.71 0.37
C ILE A 227 -5.10 -2.30 -1.00
N VAL A 228 -5.92 -1.64 -1.81
CA VAL A 228 -6.04 -1.95 -3.24
C VAL A 228 -5.49 -0.76 -4.02
N ASP A 229 -4.40 -0.98 -4.75
CA ASP A 229 -3.77 0.10 -5.50
C ASP A 229 -3.59 -0.33 -6.95
N VAL A 230 -4.09 0.49 -7.86
CA VAL A 230 -4.07 0.20 -9.29
C VAL A 230 -3.57 1.41 -10.06
N SER A 231 -2.86 1.14 -11.16
CA SER A 231 -2.26 2.20 -11.97
C SER A 231 -1.97 1.70 -13.37
N TYR A 232 -2.32 2.52 -14.36
CA TYR A 232 -1.86 2.33 -15.74
C TYR A 232 -0.86 3.44 -16.17
N ALA A 233 -0.21 4.07 -15.18
CA ALA A 233 0.82 5.11 -15.44
C ALA A 233 2.15 4.78 -14.76
N THR A 234 2.36 3.50 -14.46
CA THR A 234 3.54 3.03 -13.74
C THR A 234 4.52 2.42 -14.74
N LYS A 235 5.71 3.04 -14.85
CA LYS A 235 6.74 2.67 -15.80
C LYS A 235 7.85 1.92 -15.10
N LEU A 236 7.80 0.59 -15.23
CA LEU A 236 8.76 -0.31 -14.61
C LEU A 236 9.67 -0.91 -15.67
N GLY A 237 10.86 -1.32 -15.26
CA GLY A 237 11.85 -1.89 -16.17
C GLY A 237 11.37 -3.21 -16.73
N THR A 238 10.72 -4.00 -15.90
CA THR A 238 10.02 -5.20 -16.34
C THR A 238 8.52 -4.96 -16.19
N GLU A 239 7.81 -5.00 -17.31
CA GLU A 239 6.37 -4.77 -17.32
C GLU A 239 5.68 -5.98 -16.68
N PRO A 240 4.91 -5.80 -15.58
CA PRO A 240 4.26 -6.96 -14.96
C PRO A 240 2.89 -7.38 -15.56
N PHE A 241 2.35 -6.62 -16.52
CA PHE A 241 1.00 -6.87 -17.06
C PHE A 241 0.81 -8.35 -17.43
N PRO A 242 -0.25 -9.03 -16.96
CA PRO A 242 -1.34 -8.48 -16.15
C PRO A 242 -1.39 -9.17 -14.80
N GLU A 243 -0.24 -9.21 -14.14
CA GLU A 243 -0.11 -9.88 -12.87
C GLU A 243 -0.67 -8.99 -11.76
N THR A 244 -1.45 -9.58 -10.86
CA THR A 244 -1.88 -8.91 -9.64
C THR A 244 -0.98 -9.44 -8.52
N LEU A 245 -0.32 -8.52 -7.81
CA LEU A 245 0.63 -8.86 -6.76
C LEU A 245 -0.06 -8.74 -5.40
N ILE A 246 0.12 -9.72 -4.54
CA ILE A 246 -0.67 -9.86 -3.31
C ILE A 246 0.24 -10.08 -2.11
N ASP A 247 0.09 -9.24 -1.09
CA ASP A 247 0.69 -9.48 0.24
C ASP A 247 -0.42 -9.72 1.27
N ILE A 248 -0.31 -10.79 2.05
CA ILE A 248 -1.24 -11.05 3.17
C ILE A 248 -0.44 -11.31 4.42
N ASP A 249 -0.78 -10.63 5.52
CA ASP A 249 -0.16 -10.90 6.82
C ASP A 249 -1.21 -11.56 7.72
N GLY A 250 -0.83 -12.65 8.37
CA GLY A 250 -1.70 -13.33 9.32
C GLY A 250 -1.04 -13.48 10.68
N THR A 251 -1.81 -13.94 11.66
CA THR A 251 -1.34 -14.06 13.05
C THR A 251 -0.17 -15.04 13.24
N GLN A 252 -0.03 -16.00 12.33
CA GLN A 252 1.06 -16.99 12.37
C GLN A 252 1.90 -17.06 11.09
N GLY A 253 1.77 -16.08 10.19
CA GLY A 253 2.55 -16.11 8.96
C GLY A 253 2.28 -15.04 7.92
N THR A 254 2.88 -15.23 6.75
CA THR A 254 2.76 -14.31 5.63
C THR A 254 2.61 -15.04 4.29
N ILE A 255 1.85 -14.44 3.39
CA ILE A 255 1.83 -14.84 1.98
C ILE A 255 2.37 -13.67 1.17
N ARG A 256 3.24 -13.97 0.22
CA ARG A 256 3.78 -12.98 -0.73
C ARG A 256 3.75 -13.57 -2.12
N LEU A 257 2.81 -13.07 -2.94
CA LEU A 257 2.75 -13.40 -4.35
C LEU A 257 3.41 -12.23 -5.08
N SER A 258 4.58 -12.48 -5.66
CA SER A 258 5.40 -11.44 -6.29
C SER A 258 5.49 -11.71 -7.79
N GLN A 259 6.09 -10.75 -8.52
CA GLN A 259 6.15 -10.76 -9.98
C GLN A 259 6.79 -12.04 -10.53
N GLY A 260 6.34 -12.47 -11.70
CA GLY A 260 6.71 -13.76 -12.27
C GLY A 260 6.03 -14.96 -11.59
N TYR A 261 4.91 -14.71 -10.92
CA TYR A 261 4.11 -15.73 -10.24
C TYR A 261 4.85 -16.53 -9.16
N ARG A 262 5.80 -15.89 -8.48
CA ARG A 262 6.52 -16.52 -7.36
C ARG A 262 5.69 -16.39 -6.08
N LEU A 263 5.44 -17.50 -5.40
CA LEU A 263 4.58 -17.54 -4.19
C LEU A 263 5.38 -17.97 -2.96
N GLU A 264 5.58 -17.03 -2.03
CA GLU A 264 6.33 -17.30 -0.80
C GLU A 264 5.39 -17.36 0.39
N VAL A 265 5.39 -18.50 1.08
CA VAL A 265 4.55 -18.71 2.26
C VAL A 265 5.45 -18.97 3.45
N THR A 266 5.33 -18.15 4.49
CA THR A 266 6.05 -18.38 5.74
C THR A 266 5.03 -18.68 6.83
N GLY A 267 5.23 -19.80 7.53
CA GLY A 267 4.38 -20.21 8.65
C GLY A 267 5.23 -20.68 9.81
N PRO A 268 4.60 -21.33 10.81
CA PRO A 268 5.33 -21.91 11.95
C PRO A 268 6.40 -22.95 11.56
N ASN A 269 6.08 -23.80 10.58
CA ASN A 269 7.03 -24.78 10.02
C ASN A 269 8.25 -24.12 9.37
N GLY A 270 8.02 -23.00 8.67
CA GLY A 270 9.09 -22.25 7.98
C GLY A 270 8.60 -21.76 6.62
N MET A 271 9.55 -21.36 5.78
CA MET A 271 9.25 -20.84 4.44
C MET A 271 9.13 -21.97 3.40
N THR A 272 8.16 -21.83 2.50
CA THR A 272 8.13 -22.57 1.22
C THR A 272 7.97 -21.58 0.07
N ILE A 273 8.62 -21.85 -1.05
CA ILE A 273 8.50 -21.07 -2.28
C ILE A 273 7.87 -21.95 -3.35
N SER A 274 6.86 -21.45 -4.04
CA SER A 274 6.24 -22.18 -5.14
C SER A 274 6.12 -21.33 -6.41
N ASP A 275 6.10 -22.03 -7.54
CA ASP A 275 5.83 -21.43 -8.83
C ASP A 275 4.30 -21.58 -9.08
N ALA A 276 3.60 -20.46 -9.01
CA ALA A 276 2.16 -20.40 -9.24
C ALA A 276 1.83 -19.93 -10.65
N SER A 277 2.72 -20.18 -11.60
CA SER A 277 2.53 -19.74 -12.97
C SER A 277 1.33 -20.42 -13.58
N PRO A 278 0.64 -19.72 -14.49
CA PRO A 278 -0.47 -20.35 -15.20
C PRO A 278 0.01 -21.28 -16.30
N GLN A 279 -0.89 -22.16 -16.71
CA GLN A 279 -0.66 -22.98 -17.89
C GLN A 279 -0.73 -22.12 -19.15
N LEU A 280 -0.24 -22.66 -20.26
CA LEU A 280 -0.28 -21.97 -21.53
C LEU A 280 -1.13 -22.82 -22.45
N LEU A 281 -2.36 -22.41 -22.68
CA LEU A 281 -3.26 -23.15 -23.55
C LEU A 281 -2.82 -22.99 -25.00
N SER A 282 -3.25 -23.92 -25.86
CA SER A 282 -2.82 -23.95 -27.28
C SER A 282 -3.08 -22.66 -28.07
N TRP A 283 -4.16 -21.97 -27.71
CA TRP A 283 -4.61 -20.74 -28.37
C TRP A 283 -4.18 -19.49 -27.58
N ALA A 284 -3.52 -19.66 -26.44
CA ALA A 284 -3.19 -18.54 -25.58
C ALA A 284 -1.98 -17.82 -26.15
N SER A 285 -1.75 -16.63 -25.65
CA SER A 285 -0.75 -15.74 -26.19
C SER A 285 -0.17 -14.88 -25.07
N ARG A 286 1.15 -14.89 -24.94
CA ARG A 286 1.84 -14.06 -23.95
C ARG A 286 1.70 -12.57 -24.32
N PRO A 287 1.45 -11.67 -23.35
CA PRO A 287 1.35 -11.95 -21.90
C PRO A 287 -0.10 -12.19 -21.37
N TRP A 288 -1.07 -12.42 -22.26
CA TRP A 288 -2.48 -12.59 -21.86
C TRP A 288 -2.82 -13.97 -21.28
N HIS A 289 -1.88 -14.92 -21.35
CA HIS A 289 -2.13 -16.34 -21.03
C HIS A 289 -2.74 -16.66 -19.66
N ASN A 290 -2.46 -15.84 -18.67
CA ASN A 290 -3.00 -16.02 -17.32
C ASN A 290 -4.49 -15.71 -17.31
N ILE A 291 -4.86 -14.61 -17.96
CA ILE A 291 -6.25 -14.20 -18.10
C ILE A 291 -6.99 -15.22 -18.96
N GLN A 292 -6.34 -15.66 -20.03
CA GLN A 292 -6.92 -16.58 -20.99
C GLN A 292 -7.21 -17.96 -20.38
N GLU A 293 -6.30 -18.44 -19.53
CA GLU A 293 -6.54 -19.67 -18.78
C GLU A 293 -7.75 -19.49 -17.87
N SER A 294 -7.82 -18.35 -17.19
CA SER A 294 -8.94 -18.08 -16.27
C SER A 294 -10.31 -18.00 -16.96
N VAL A 295 -10.33 -17.66 -18.25
CA VAL A 295 -11.55 -17.69 -19.09
C VAL A 295 -12.09 -19.12 -19.19
N LEU A 296 -11.21 -20.10 -19.43
CA LEU A 296 -11.61 -21.51 -19.46
C LEU A 296 -12.13 -22.02 -18.10
N ALA A 297 -11.43 -21.64 -17.03
CA ALA A 297 -11.80 -22.04 -15.66
C ALA A 297 -13.20 -21.58 -15.29
N ILE A 298 -13.50 -20.30 -15.52
CA ILE A 298 -14.79 -19.75 -15.17
C ILE A 298 -15.89 -20.27 -16.09
N GLN A 299 -15.58 -20.50 -17.37
CA GLN A 299 -16.57 -21.04 -18.30
C GLN A 299 -16.89 -22.51 -18.04
N GLN A 300 -15.88 -23.30 -17.63
CA GLN A 300 -16.12 -24.66 -17.13
C GLN A 300 -16.90 -24.63 -15.82
N HIS A 301 -16.56 -23.72 -14.92
CA HIS A 301 -17.27 -23.59 -13.63
C HIS A 301 -18.77 -23.36 -13.87
N TRP A 302 -19.09 -22.39 -14.74
CA TRP A 302 -20.45 -22.15 -15.17
C TRP A 302 -21.13 -23.43 -15.66
N THR A 303 -20.47 -24.11 -16.60
CA THR A 303 -21.00 -25.30 -17.24
C THR A 303 -21.28 -26.41 -16.23
N ASP A 304 -20.35 -26.62 -15.30
CA ASP A 304 -20.50 -27.58 -14.20
C ASP A 304 -21.68 -27.22 -13.29
N ARG A 305 -21.75 -25.95 -12.89
CA ARG A 305 -22.84 -25.48 -12.00
C ARG A 305 -24.23 -25.47 -12.65
N LEU A 306 -24.29 -25.14 -13.93
CA LEU A 306 -25.55 -25.21 -14.68
C LEU A 306 -26.10 -26.64 -14.72
N SER A 307 -25.19 -27.62 -14.87
CA SER A 307 -25.55 -29.04 -14.93
C SER A 307 -25.97 -29.62 -13.59
N SER A 308 -25.30 -29.20 -12.52
CA SER A 308 -25.59 -29.69 -11.15
C SER A 308 -26.74 -28.94 -10.47
N GLY A 309 -26.99 -27.69 -10.87
CA GLY A 309 -28.04 -26.86 -10.27
C GLY A 309 -27.59 -25.90 -9.18
N GLY A 310 -26.28 -25.86 -8.89
CA GLY A 310 -25.74 -24.96 -7.86
C GLY A 310 -25.49 -23.53 -8.32
N GLU A 311 -25.26 -22.63 -7.36
CA GLU A 311 -24.96 -21.22 -7.62
C GLU A 311 -23.49 -21.09 -8.07
N THR A 312 -23.20 -20.05 -8.85
CA THR A 312 -21.81 -19.75 -9.26
C THR A 312 -21.10 -18.87 -8.24
N SER A 313 -19.78 -18.84 -8.37
CA SER A 313 -18.89 -18.15 -7.43
C SER A 313 -19.02 -16.64 -7.61
N THR A 314 -18.96 -16.17 -8.86
CA THR A 314 -19.22 -14.76 -9.18
C THR A 314 -20.63 -14.54 -9.74
N SER A 315 -21.62 -15.12 -9.05
CA SER A 315 -23.03 -14.92 -9.37
C SER A 315 -23.38 -13.44 -9.33
N GLY A 316 -24.46 -13.06 -10.03
CA GLY A 316 -24.93 -11.67 -10.01
C GLY A 316 -25.12 -11.14 -8.59
N ALA A 317 -25.72 -11.97 -7.73
CA ALA A 317 -25.96 -11.63 -6.32
C ALA A 317 -24.66 -11.34 -5.59
N ASP A 318 -23.67 -12.23 -5.75
CA ASP A 318 -22.35 -12.03 -5.19
C ASP A 318 -21.65 -10.80 -5.78
N ASN A 319 -21.74 -10.65 -7.11
CA ASN A 319 -21.06 -9.55 -7.78
C ASN A 319 -21.55 -8.16 -7.34
N LEU A 320 -22.79 -8.04 -6.89
CA LEU A 320 -23.29 -6.78 -6.29
C LEU A 320 -22.36 -6.25 -5.19
N LYS A 321 -21.83 -7.15 -4.37
CA LYS A 321 -20.92 -6.77 -3.28
C LYS A 321 -19.56 -6.31 -3.77
N THR A 322 -19.12 -6.81 -4.92
CA THR A 322 -17.95 -6.27 -5.61
C THR A 322 -18.27 -4.91 -6.25
N PHE A 323 -19.33 -4.87 -7.04
CA PHE A 323 -19.72 -3.68 -7.77
C PHE A 323 -20.00 -2.47 -6.88
N ALA A 324 -20.60 -2.71 -5.72
CA ALA A 324 -20.84 -1.65 -4.75
C ALA A 324 -19.54 -0.95 -4.30
N LEU A 325 -18.45 -1.70 -4.24
CA LEU A 325 -17.13 -1.14 -3.89
C LEU A 325 -16.57 -0.23 -4.99
N VAL A 326 -16.86 -0.56 -6.24
CA VAL A 326 -16.53 0.30 -7.37
C VAL A 326 -17.24 1.63 -7.25
N GLU A 327 -18.56 1.58 -7.05
CA GLU A 327 -19.37 2.78 -6.98
C GLU A 327 -19.01 3.59 -5.72
N ALA A 328 -18.82 2.91 -4.60
CA ALA A 328 -18.31 3.56 -3.39
C ALA A 328 -16.97 4.28 -3.60
N ALA A 329 -16.03 3.67 -4.35
CA ALA A 329 -14.71 4.29 -4.57
C ALA A 329 -14.79 5.58 -5.36
N TYR A 330 -15.63 5.62 -6.41
CA TYR A 330 -15.89 6.86 -7.15
C TYR A 330 -16.49 7.95 -6.27
N GLU A 331 -17.48 7.57 -5.46
CA GLU A 331 -18.11 8.46 -4.48
C GLU A 331 -17.10 9.02 -3.48
N SER A 332 -16.32 8.12 -2.87
CA SER A 332 -15.25 8.52 -1.94
C SER A 332 -14.23 9.46 -2.58
N ALA A 333 -13.79 9.12 -3.79
CA ALA A 333 -12.77 9.90 -4.50
C ALA A 333 -13.21 11.33 -4.77
N ALA A 334 -14.48 11.50 -5.13
CA ALA A 334 -15.06 12.83 -5.40
C ALA A 334 -15.31 13.66 -4.13
N ASN A 335 -15.95 13.05 -3.13
CA ASN A 335 -16.32 13.71 -1.88
C ASN A 335 -15.20 13.83 -0.85
N GLY A 336 -14.18 12.98 -0.97
CA GLY A 336 -13.12 12.88 0.03
C GLY A 336 -13.56 12.23 1.34
N ARG A 337 -14.67 11.48 1.31
CA ARG A 337 -15.26 10.87 2.51
C ARG A 337 -15.13 9.33 2.48
N THR A 338 -15.02 8.74 3.67
CA THR A 338 -15.20 7.31 3.83
C THR A 338 -16.67 6.95 3.58
N VAL A 339 -16.90 5.82 2.91
CA VAL A 339 -18.24 5.42 2.45
C VAL A 339 -18.64 4.08 3.08
N ASP A 340 -19.84 4.05 3.65
CA ASP A 340 -20.42 2.83 4.21
C ASP A 340 -20.95 1.95 3.08
N ILE A 341 -20.45 0.72 3.00
CA ILE A 341 -20.88 -0.24 1.97
C ILE A 341 -22.22 -0.86 2.35
N GLY A 342 -22.36 -1.23 3.63
CA GLY A 342 -23.60 -1.79 4.17
C GLY A 342 -24.85 -0.99 3.79
N ALA A 343 -24.74 0.34 3.85
CA ALA A 343 -25.84 1.25 3.51
C ALA A 343 -26.21 1.24 2.02
N MET A 344 -25.28 0.90 1.15
CA MET A 344 -25.55 0.87 -0.30
C MET A 344 -26.35 -0.33 -0.77
N LEU A 345 -26.25 -1.46 -0.07
CA LEU A 345 -26.79 -2.74 -0.54
C LEU A 345 -28.19 -3.00 0.04
N THR B 4 39.10 24.10 19.72
CA THR B 4 38.14 24.67 18.71
C THR B 4 36.87 23.83 18.44
N GLU B 5 36.84 22.57 18.87
CA GLU B 5 35.60 21.75 18.81
C GLU B 5 34.48 22.35 19.63
N LEU B 6 33.25 22.19 19.16
CA LEU B 6 32.07 22.46 19.98
C LEU B 6 32.02 21.44 21.12
N LYS B 7 31.75 21.91 22.33
CA LYS B 7 31.62 21.02 23.48
C LYS B 7 30.15 20.78 23.76
N GLY B 8 29.72 19.53 23.65
CA GLY B 8 28.34 19.14 23.92
C GLY B 8 28.17 18.49 25.28
N ALA B 9 26.97 18.57 25.82
CA ALA B 9 26.60 17.80 27.01
C ALA B 9 25.48 16.84 26.58
N LEU B 10 25.59 15.57 26.99
CA LEU B 10 24.57 14.59 26.71
C LEU B 10 23.75 14.27 27.94
N ILE B 11 22.44 14.50 27.86
CA ILE B 11 21.51 14.18 28.95
C ILE B 11 20.70 12.95 28.57
N GLY B 12 20.85 11.89 29.36
CA GLY B 12 20.13 10.62 29.16
C GLY B 12 21.06 9.57 28.57
N CYS B 13 21.81 8.91 29.45
CA CYS B 13 22.81 7.90 29.08
C CYS B 13 22.20 6.50 28.96
N GLY B 14 21.09 6.40 28.24
CA GLY B 14 20.42 5.12 28.01
C GLY B 14 21.01 4.31 26.88
N PHE B 15 20.24 3.32 26.43
CA PHE B 15 20.74 2.33 25.47
C PHE B 15 21.02 2.91 24.10
N PHE B 16 20.13 3.77 23.60
CA PHE B 16 20.41 4.47 22.34
C PHE B 16 21.45 5.57 22.43
N ALA B 17 21.60 6.21 23.59
CA ALA B 17 22.65 7.22 23.79
C ALA B 17 24.07 6.71 23.54
N VAL B 18 24.31 5.41 23.76
CA VAL B 18 25.61 4.80 23.47
C VAL B 18 25.96 5.04 21.99
N ASN B 19 25.01 4.81 21.09
CA ASN B 19 25.20 5.09 19.66
C ASN B 19 25.50 6.57 19.39
N GLN B 20 24.78 7.47 20.05
CA GLN B 20 25.02 8.90 19.91
C GLN B 20 26.41 9.30 20.40
N MET B 21 26.84 8.76 21.54
CA MET B 21 28.20 8.98 22.09
C MET B 21 29.32 8.48 21.17
N HIS B 22 29.16 7.28 20.60
CA HIS B 22 30.12 6.77 19.61
C HIS B 22 30.22 7.76 18.45
N ALA B 23 29.07 8.19 17.92
CA ALA B 23 29.04 9.06 16.75
C ALA B 23 29.61 10.44 17.03
N TRP B 24 29.32 10.98 18.22
CA TRP B 24 29.97 12.23 18.66
C TRP B 24 31.49 12.16 18.60
N LYS B 25 32.06 11.00 18.92
CA LYS B 25 33.50 10.80 18.81
C LYS B 25 33.94 10.93 17.35
N ASP B 26 33.20 10.31 16.42
CA ASP B 26 33.49 10.41 14.99
C ASP B 26 33.24 11.80 14.38
N VAL B 27 32.26 12.55 14.88
CA VAL B 27 31.92 13.86 14.32
C VAL B 27 33.11 14.80 14.35
N LYS B 28 33.37 15.47 13.22
CA LYS B 28 34.45 16.47 13.10
C LYS B 28 33.93 17.84 13.48
N GLY B 29 34.55 18.45 14.49
CA GLY B 29 34.19 19.79 14.95
C GLY B 29 33.25 19.81 16.15
N ALA B 30 33.06 18.65 16.79
CA ALA B 30 32.24 18.55 18.01
C ALA B 30 32.62 17.32 18.82
N GLY B 31 32.34 17.39 20.12
CA GLY B 31 32.60 16.28 21.05
C GLY B 31 31.86 16.49 22.37
N ILE B 32 31.72 15.42 23.15
CA ILE B 32 30.97 15.47 24.40
C ILE B 32 31.91 15.76 25.58
N ALA B 33 31.64 16.86 26.31
CA ALA B 33 32.42 17.28 27.49
C ALA B 33 31.78 16.91 28.85
N ALA B 34 30.48 16.61 28.84
CA ALA B 34 29.77 16.27 30.07
C ALA B 34 28.58 15.38 29.75
N ILE B 35 28.23 14.52 30.70
CA ILE B 35 27.06 13.64 30.57
C ILE B 35 26.18 13.74 31.80
N CYS B 36 24.94 13.30 31.65
CA CYS B 36 23.95 13.38 32.72
C CYS B 36 22.94 12.24 32.65
N ASP B 37 22.73 11.59 33.80
CA ASP B 37 21.69 10.57 33.93
C ASP B 37 21.29 10.45 35.40
N ARG B 38 19.99 10.26 35.63
CA ARG B 38 19.44 10.09 36.98
C ARG B 38 19.82 8.75 37.61
N ASP B 39 20.08 7.77 36.76
CA ASP B 39 20.52 6.43 37.19
C ASP B 39 22.05 6.40 37.25
N PRO B 40 22.63 6.30 38.49
CA PRO B 40 24.11 6.34 38.59
C PRO B 40 24.84 5.15 37.94
N LYS B 41 24.15 4.01 37.79
CA LYS B 41 24.71 2.86 37.05
C LYS B 41 24.98 3.22 35.59
N ARG B 42 24.00 3.86 34.95
CA ARG B 42 24.13 4.30 33.56
C ARG B 42 25.12 5.45 33.41
N LEU B 43 25.09 6.39 34.36
CA LEU B 43 26.08 7.47 34.41
C LEU B 43 27.52 6.93 34.46
N LYS B 44 27.74 5.87 35.24
CA LYS B 44 29.08 5.28 35.35
C LYS B 44 29.47 4.45 34.13
N LEU B 45 28.54 3.63 33.64
CA LEU B 45 28.77 2.77 32.47
C LEU B 45 29.25 3.61 31.28
N VAL B 46 28.43 4.59 30.90
CA VAL B 46 28.69 5.44 29.73
C VAL B 46 29.86 6.40 29.99
N GLY B 47 29.96 6.91 31.21
CA GLY B 47 31.11 7.73 31.61
C GLY B 47 32.44 7.02 31.46
N ASP B 48 32.50 5.77 31.93
CA ASP B 48 33.70 4.95 31.84
C ASP B 48 33.97 4.52 30.40
N GLN B 49 32.94 4.06 29.69
CA GLN B 49 33.09 3.62 28.30
C GLN B 49 33.66 4.71 27.39
N PHE B 50 33.27 5.97 27.61
CA PHE B 50 33.69 7.08 26.74
C PHE B 50 34.67 8.06 27.36
N GLY B 51 35.12 7.79 28.58
CA GLY B 51 36.14 8.59 29.25
C GLY B 51 35.74 10.02 29.50
N ILE B 52 34.51 10.22 29.99
CA ILE B 52 33.96 11.55 30.28
C ILE B 52 34.19 11.89 31.77
N GLU B 53 34.90 12.98 32.03
CA GLU B 53 35.22 13.39 33.40
C GLU B 53 34.01 14.02 34.12
N ARG B 54 33.35 14.97 33.46
CA ARG B 54 32.19 15.67 34.03
C ARG B 54 30.91 14.81 33.97
N ARG B 55 30.37 14.47 35.14
CA ARG B 55 29.23 13.57 35.26
C ARG B 55 28.22 14.13 36.26
N TYR B 56 26.96 14.21 35.85
CA TYR B 56 25.91 14.82 36.66
C TYR B 56 24.74 13.89 36.89
N GLY B 57 24.18 13.94 38.11
CA GLY B 57 22.95 13.23 38.48
C GLY B 57 21.64 13.95 38.15
N ASP B 58 21.72 15.22 37.76
CA ASP B 58 20.53 15.98 37.32
C ASP B 58 20.89 17.13 36.40
N ALA B 59 20.00 17.40 35.46
CA ALA B 59 20.23 18.39 34.41
C ALA B 59 20.32 19.81 34.94
N ALA B 60 19.58 20.10 36.00
CA ALA B 60 19.61 21.43 36.61
C ALA B 60 21.03 21.83 37.06
N ALA B 61 21.71 20.90 37.74
CA ALA B 61 23.10 21.13 38.21
C ALA B 61 24.07 21.24 37.02
N LEU B 62 23.85 20.42 35.99
CA LEU B 62 24.60 20.51 34.73
C LEU B 62 24.49 21.91 34.09
N PHE B 63 23.26 22.35 33.81
CA PHE B 63 23.03 23.70 33.26
C PHE B 63 23.56 24.82 34.17
N ALA B 64 23.53 24.62 35.48
CA ALA B 64 24.07 25.63 36.41
C ALA B 64 25.58 25.80 36.23
N ASP B 65 26.31 24.68 36.13
CA ASP B 65 27.78 24.71 35.94
C ASP B 65 28.17 25.21 34.54
N GLY B 66 27.41 24.82 33.52
CA GLY B 66 27.62 25.34 32.17
C GLY B 66 28.84 24.76 31.51
N GLY B 67 29.45 25.56 30.63
CA GLY B 67 30.69 25.16 29.94
C GLY B 67 30.50 24.21 28.77
N PHE B 68 29.35 24.30 28.11
CA PHE B 68 29.08 23.57 26.87
C PHE B 68 28.34 24.46 25.88
N ASP B 69 28.53 24.17 24.59
CA ASP B 69 27.99 24.99 23.50
C ASP B 69 26.66 24.50 23.01
N PHE B 70 26.33 23.23 23.30
CA PHE B 70 25.06 22.65 22.92
C PHE B 70 24.71 21.47 23.83
N VAL B 71 23.46 21.02 23.74
CA VAL B 71 22.97 19.92 24.58
C VAL B 71 22.26 18.89 23.72
N ASP B 72 22.53 17.61 24.02
CA ASP B 72 22.00 16.48 23.30
C ASP B 72 21.12 15.69 24.25
N ILE B 73 19.81 15.76 24.04
CA ILE B 73 18.83 15.20 24.96
C ILE B 73 18.37 13.85 24.44
N ALA B 74 18.84 12.78 25.08
CA ALA B 74 18.53 11.42 24.70
C ALA B 74 17.76 10.71 25.80
N THR B 75 17.01 11.47 26.60
CA THR B 75 16.10 10.89 27.57
C THR B 75 14.82 10.42 26.88
N THR B 76 14.00 9.71 27.64
CA THR B 76 12.65 9.36 27.23
C THR B 76 11.78 10.62 27.18
N VAL B 77 10.66 10.51 26.47
CA VAL B 77 9.76 11.65 26.13
C VAL B 77 9.27 12.51 27.31
N GLN B 78 9.13 11.91 28.50
CA GLN B 78 8.58 12.58 29.68
C GLN B 78 9.33 13.87 30.05
N SER B 79 10.66 13.84 29.93
CA SER B 79 11.49 14.97 30.35
C SER B 79 11.89 15.90 29.19
N HIS B 80 11.39 15.65 27.98
CA HIS B 80 11.79 16.42 26.78
C HIS B 80 11.44 17.90 26.90
N ARG B 81 10.19 18.21 27.25
CA ARG B 81 9.77 19.61 27.34
C ARG B 81 10.59 20.35 28.42
N ALA B 82 10.69 19.78 29.61
CA ALA B 82 11.46 20.42 30.69
C ALA B 82 12.90 20.73 30.26
N LEU B 83 13.57 19.74 29.66
CA LEU B 83 14.98 19.87 29.29
C LEU B 83 15.23 20.88 28.18
N VAL B 84 14.34 20.91 27.19
CA VAL B 84 14.38 21.91 26.13
C VAL B 84 14.13 23.31 26.67
N GLU B 85 13.22 23.46 27.62
CA GLU B 85 12.96 24.74 28.29
C GLU B 85 14.16 25.22 29.13
N MET B 86 14.81 24.28 29.85
CA MET B 86 16.05 24.56 30.56
C MET B 86 17.16 25.02 29.60
N ALA B 87 17.25 24.35 28.45
CA ALA B 87 18.22 24.68 27.42
C ALA B 87 18.00 26.12 26.92
N ALA B 88 16.75 26.41 26.54
CA ALA B 88 16.36 27.74 26.05
C ALA B 88 16.65 28.85 27.06
N ALA B 89 16.31 28.62 28.33
CA ALA B 89 16.55 29.61 29.38
C ALA B 89 18.04 29.87 29.67
N HIS B 90 18.90 28.88 29.41
CA HIS B 90 20.37 29.04 29.49
C HIS B 90 21.03 29.40 28.12
N LYS B 91 20.22 29.73 27.12
CA LYS B 91 20.69 30.04 25.76
C LYS B 91 21.62 28.98 25.17
N VAL B 92 21.25 27.70 25.37
CA VAL B 92 22.03 26.57 24.88
C VAL B 92 21.29 25.86 23.74
N PRO B 93 21.87 25.88 22.51
CA PRO B 93 21.32 25.14 21.38
C PRO B 93 21.08 23.67 21.74
N ALA B 94 19.96 23.12 21.26
CA ALA B 94 19.43 21.87 21.79
C ALA B 94 19.04 20.87 20.70
N ILE B 95 19.49 19.64 20.88
CA ILE B 95 18.99 18.50 20.13
C ILE B 95 18.14 17.68 21.07
N CYS B 96 16.98 17.24 20.58
CA CYS B 96 16.03 16.48 21.37
C CYS B 96 15.60 15.24 20.62
N GLN B 97 15.66 14.10 21.30
CA GLN B 97 15.24 12.84 20.70
C GLN B 97 13.74 12.81 20.40
N LYS B 98 13.38 11.91 19.50
CA LYS B 98 11.99 11.63 19.18
C LYS B 98 11.45 10.60 20.20
N PRO B 99 10.14 10.54 20.45
CA PRO B 99 9.15 11.52 20.00
C PRO B 99 9.40 12.89 20.64
N PHE B 100 9.27 13.94 19.83
CA PHE B 100 9.56 15.32 20.23
C PHE B 100 8.97 15.66 21.60
N ALA B 101 7.66 15.44 21.73
CA ALA B 101 6.91 15.71 22.94
C ALA B 101 5.74 14.73 23.08
N LYS B 102 5.03 14.83 24.19
CA LYS B 102 3.86 13.98 24.46
C LYS B 102 2.64 14.39 23.65
N SER B 103 2.60 15.65 23.20
CA SER B 103 1.49 16.22 22.42
C SER B 103 1.99 17.28 21.44
N LEU B 104 1.22 17.52 20.39
CA LEU B 104 1.55 18.60 19.43
C LEU B 104 1.60 19.95 20.14
N SER B 105 0.71 20.12 21.11
CA SER B 105 0.62 21.31 21.96
C SER B 105 1.95 21.60 22.69
N ASP B 106 2.52 20.58 23.33
CA ASP B 106 3.81 20.72 24.01
C ASP B 106 4.94 21.03 23.04
N ALA B 107 4.92 20.38 21.89
CA ALA B 107 5.95 20.57 20.86
C ALA B 107 5.93 21.98 20.32
N LYS B 108 4.74 22.49 20.00
CA LYS B 108 4.57 23.88 19.56
C LYS B 108 5.18 24.87 20.54
N ALA B 109 4.84 24.70 21.83
CA ALA B 109 5.37 25.58 22.91
C ALA B 109 6.89 25.45 23.06
N MET B 110 7.42 24.24 22.87
CA MET B 110 8.87 24.00 22.85
C MET B 110 9.56 24.71 21.70
N VAL B 111 8.93 24.70 20.52
CA VAL B 111 9.45 25.39 19.34
C VAL B 111 9.45 26.91 19.56
N ARG B 112 8.36 27.43 20.13
CA ARG B 112 8.21 28.86 20.34
C ARG B 112 9.24 29.40 21.36
N THR B 113 9.43 28.64 22.44
CA THR B 113 10.41 29.00 23.47
C THR B 113 11.84 29.07 22.91
N CYS B 114 12.21 28.11 22.06
CA CYS B 114 13.54 28.15 21.41
C CYS B 114 13.68 29.29 20.40
N GLU B 115 12.63 29.55 19.61
CA GLU B 115 12.59 30.73 18.73
C GLU B 115 12.70 32.06 19.50
N ASN B 116 11.99 32.19 20.63
CA ASN B 116 12.08 33.38 21.50
C ASN B 116 13.45 33.54 22.19
N ALA B 117 14.08 32.42 22.55
CA ALA B 117 15.45 32.43 23.09
C ALA B 117 16.55 32.58 22.02
N ASP B 118 16.18 32.53 20.74
CA ASP B 118 17.11 32.69 19.60
C ASP B 118 18.17 31.58 19.57
N ILE B 119 17.75 30.34 19.85
CA ILE B 119 18.63 29.16 19.80
C ILE B 119 18.11 28.08 18.81
N PRO B 120 19.04 27.42 18.08
CA PRO B 120 18.60 26.30 17.24
C PRO B 120 18.05 25.12 18.05
N LEU B 121 17.02 24.48 17.49
CA LEU B 121 16.41 23.29 18.04
C LEU B 121 16.30 22.28 16.91
N MET B 122 17.03 21.18 17.04
CA MET B 122 16.90 20.06 16.11
C MET B 122 16.27 18.89 16.84
N VAL B 123 15.31 18.24 16.20
CA VAL B 123 14.82 16.95 16.67
C VAL B 123 15.73 15.88 16.06
N HIS B 124 16.21 14.95 16.89
CA HIS B 124 16.98 13.81 16.38
C HIS B 124 16.01 12.82 15.71
N GLU B 125 15.76 13.07 14.42
CA GLU B 125 14.90 12.24 13.58
C GLU B 125 15.77 11.71 12.45
N ASN B 126 16.28 10.49 12.62
CA ASN B 126 17.41 10.01 11.82
C ASN B 126 17.09 9.07 10.66
N PHE B 127 15.85 8.59 10.56
CA PHE B 127 15.49 7.68 9.47
C PHE B 127 15.72 8.32 8.09
N ARG B 128 15.34 9.60 7.93
CA ARG B 128 15.60 10.32 6.68
C ARG B 128 17.10 10.52 6.35
N TRP B 129 17.96 10.41 7.36
CA TRP B 129 19.41 10.46 7.16
C TRP B 129 20.08 9.12 6.81
N GLN B 130 19.32 8.03 6.80
CA GLN B 130 19.85 6.73 6.35
C GLN B 130 20.31 6.83 4.90
N THR B 131 21.42 6.17 4.61
CA THR B 131 21.99 6.15 3.25
C THR B 131 20.98 5.75 2.14
N PRO B 132 20.22 4.66 2.33
CA PRO B 132 19.22 4.28 1.30
C PRO B 132 18.14 5.34 1.07
N ILE B 133 17.69 5.99 2.13
CA ILE B 133 16.63 6.97 2.05
C ILE B 133 17.12 8.26 1.39
N GLN B 134 18.36 8.66 1.71
CA GLN B 134 19.03 9.78 1.01
C GLN B 134 19.18 9.52 -0.47
N ALA B 135 19.48 8.27 -0.82
CA ALA B 135 19.62 7.87 -2.23
C ALA B 135 18.30 8.00 -3.02
N VAL B 136 17.19 7.67 -2.38
CA VAL B 136 15.87 7.80 -2.99
C VAL B 136 15.53 9.28 -3.22
N LYS B 137 15.85 10.12 -2.24
CA LYS B 137 15.65 11.56 -2.34
C LYS B 137 16.42 12.14 -3.52
N ALA B 138 17.71 11.81 -3.59
CA ALA B 138 18.61 12.31 -4.64
C ALA B 138 18.13 11.94 -6.06
N VAL B 139 17.71 10.69 -6.23
CA VAL B 139 17.16 10.23 -7.53
C VAL B 139 15.93 11.04 -7.94
N LEU B 140 15.05 11.28 -6.98
CA LEU B 140 13.79 11.98 -7.24
C LEU B 140 14.05 13.44 -7.58
N GLU B 141 14.90 14.10 -6.80
CA GLU B 141 15.27 15.51 -7.05
C GLU B 141 15.99 15.72 -8.38
N SER B 142 16.73 14.72 -8.84
CA SER B 142 17.40 14.79 -10.15
C SER B 142 16.44 14.91 -11.36
N GLY B 143 15.15 14.55 -11.15
CA GLY B 143 14.14 14.60 -12.20
C GLY B 143 14.14 13.35 -13.07
N ALA B 144 14.87 12.32 -12.64
CA ALA B 144 15.06 11.10 -13.42
C ALA B 144 13.75 10.38 -13.70
N ILE B 145 12.78 10.51 -12.79
CA ILE B 145 11.46 9.90 -13.00
C ILE B 145 10.31 10.89 -13.17
N GLY B 146 10.63 12.16 -13.44
CA GLY B 146 9.63 13.19 -13.60
C GLY B 146 9.02 13.59 -12.27
N GLU B 147 7.76 14.02 -12.30
CA GLU B 147 7.05 14.47 -11.10
C GLU B 147 6.44 13.26 -10.38
N PRO B 148 6.67 13.13 -9.07
CA PRO B 148 6.12 11.98 -8.35
C PRO B 148 4.62 12.13 -8.12
N PHE B 149 3.84 11.07 -8.37
CA PHE B 149 2.40 11.09 -8.07
C PHE B 149 1.90 10.05 -7.06
N TRP B 150 2.69 9.01 -6.79
CA TRP B 150 2.26 7.96 -5.89
C TRP B 150 3.47 7.40 -5.15
N GLY B 151 3.26 7.03 -3.88
CA GLY B 151 4.31 6.39 -3.09
C GLY B 151 3.82 5.35 -2.07
N ARG B 152 4.67 4.38 -1.77
CA ARG B 152 4.47 3.50 -0.62
C ARG B 152 5.71 3.53 0.23
N PHE B 153 5.52 3.69 1.55
CA PHE B 153 6.61 3.64 2.54
C PHE B 153 6.26 2.58 3.59
N SER B 154 7.06 1.51 3.66
CA SER B 154 6.66 0.28 4.33
C SER B 154 7.75 -0.23 5.28
N PHE B 155 7.37 -0.49 6.53
CA PHE B 155 8.24 -1.11 7.52
C PHE B 155 7.42 -2.23 8.17
N ARG B 156 7.63 -3.46 7.72
CA ARG B 156 6.90 -4.62 8.20
C ARG B 156 7.90 -5.62 8.77
N SER B 157 7.84 -5.84 10.09
CA SER B 157 8.85 -6.59 10.83
C SER B 157 8.18 -7.59 11.77
N GLY B 158 8.90 -8.66 12.11
CA GLY B 158 8.56 -9.54 13.23
C GLY B 158 9.61 -9.48 14.33
N PHE B 159 10.41 -8.41 14.34
CA PHE B 159 11.58 -8.34 15.22
C PHE B 159 11.17 -8.02 16.65
N ASP B 160 11.83 -8.68 17.60
CA ASP B 160 11.63 -8.42 19.02
C ASP B 160 12.34 -7.12 19.45
N VAL B 161 11.69 -5.97 19.23
CA VAL B 161 12.19 -4.66 19.71
C VAL B 161 12.03 -4.45 21.22
N PHE B 162 11.24 -5.32 21.84
CA PHE B 162 10.81 -5.16 23.22
C PHE B 162 11.92 -5.46 24.23
N SER B 163 12.87 -6.32 23.87
CA SER B 163 14.03 -6.62 24.73
C SER B 163 14.93 -5.39 24.92
N GLY B 164 15.34 -4.79 23.80
CA GLY B 164 16.15 -3.57 23.82
C GLY B 164 15.45 -2.32 24.35
N GLN B 165 14.11 -2.29 24.25
CA GLN B 165 13.32 -1.12 24.63
C GLN B 165 12.00 -1.56 25.34
N PRO B 166 12.10 -2.00 26.61
CA PRO B 166 10.91 -2.53 27.34
C PRO B 166 9.72 -1.56 27.54
N TYR B 167 9.97 -0.25 27.56
CA TYR B 167 8.89 0.77 27.63
C TYR B 167 7.88 0.72 26.47
N LEU B 168 8.29 0.19 25.32
CA LEU B 168 7.40 0.07 24.15
C LEU B 168 6.23 -0.92 24.37
N ALA B 169 6.46 -1.96 25.16
CA ALA B 169 5.38 -2.91 25.51
C ALA B 169 4.35 -2.35 26.50
N GLU B 170 4.70 -1.28 27.23
CA GLU B 170 3.90 -0.78 28.36
C GLU B 170 2.72 0.13 27.96
N GLY B 171 2.97 1.12 27.09
CA GLY B 171 1.97 2.18 26.80
C GLY B 171 0.76 1.79 25.94
N GLU B 172 -0.28 2.63 25.97
CA GLU B 172 -1.47 2.45 25.13
C GLU B 172 -1.16 2.77 23.65
N ARG B 173 -0.25 3.72 23.41
CA ARG B 173 0.27 4.04 22.08
C ARG B 173 1.62 3.37 21.86
N PHE B 174 1.74 2.59 20.77
CA PHE B 174 3.00 1.92 20.44
C PHE B 174 3.49 2.27 19.03
N ILE B 175 3.10 1.52 17.99
CA ILE B 175 3.87 1.50 16.73
C ILE B 175 3.92 2.83 15.98
N ILE B 176 2.83 3.60 15.96
CA ILE B 176 2.82 4.87 15.22
C ILE B 176 3.74 5.89 15.91
N GLU B 177 3.62 5.98 17.23
CA GLU B 177 4.45 6.90 18.03
C GLU B 177 5.94 6.53 18.06
N ASP B 178 6.24 5.23 18.06
CA ASP B 178 7.60 4.73 18.08
C ASP B 178 8.26 4.64 16.68
N LEU B 179 7.57 4.02 15.72
CA LEU B 179 8.13 3.67 14.41
C LEU B 179 7.51 4.47 13.27
N GLY B 180 6.18 4.47 13.21
CA GLY B 180 5.43 5.27 12.23
C GLY B 180 5.80 6.74 12.18
N ILE B 181 6.20 7.30 13.33
CA ILE B 181 6.76 8.65 13.38
C ILE B 181 7.92 8.84 12.38
N HIS B 182 8.77 7.82 12.25
CA HIS B 182 9.85 7.82 11.26
C HIS B 182 9.33 7.67 9.83
N THR B 183 8.46 6.68 9.63
CA THR B 183 7.93 6.39 8.29
C THR B 183 7.15 7.59 7.74
N LEU B 184 6.39 8.25 8.60
CA LEU B 184 5.67 9.47 8.24
C LEU B 184 6.61 10.61 7.93
N ASP B 185 7.68 10.75 8.71
CA ASP B 185 8.72 11.74 8.42
C ASP B 185 9.38 11.51 7.06
N ILE B 186 9.73 10.25 6.76
CA ILE B 186 10.28 9.90 5.45
C ILE B 186 9.29 10.29 4.34
N ALA B 187 8.00 9.98 4.52
CA ALA B 187 6.98 10.31 3.50
C ALA B 187 6.94 11.81 3.19
N ARG B 188 7.03 12.63 4.24
CA ARG B 188 7.16 14.10 4.09
C ARG B 188 8.43 14.51 3.35
N PHE B 189 9.54 13.88 3.73
CA PHE B 189 10.86 14.14 3.16
C PHE B 189 10.87 13.91 1.65
N ILE B 190 10.24 12.82 1.21
CA ILE B 190 10.25 12.43 -0.20
C ILE B 190 9.15 13.13 -1.01
N LEU B 191 7.92 13.18 -0.49
CA LEU B 191 6.76 13.69 -1.25
C LEU B 191 6.17 15.03 -0.77
N GLY B 192 6.79 15.64 0.24
CA GLY B 192 6.35 16.93 0.75
C GLY B 192 5.26 16.84 1.79
N ASP B 193 4.86 18.01 2.28
CA ASP B 193 3.87 18.11 3.36
C ASP B 193 2.49 17.56 2.97
N VAL B 194 1.76 17.14 4.01
CA VAL B 194 0.50 16.44 3.89
C VAL B 194 -0.67 17.37 4.22
N ALA B 195 -1.73 17.29 3.42
CA ALA B 195 -2.95 18.09 3.59
C ALA B 195 -3.95 17.34 4.47
N THR B 196 -4.24 16.11 4.08
CA THR B 196 -5.17 15.24 4.80
C THR B 196 -4.62 13.81 4.97
N LEU B 197 -5.18 13.12 5.96
CA LEU B 197 -4.64 11.85 6.44
C LEU B 197 -5.78 10.95 6.92
N THR B 198 -5.69 9.66 6.59
CA THR B 198 -6.64 8.66 7.10
C THR B 198 -5.85 7.45 7.57
N ALA B 199 -6.20 6.92 8.75
CA ALA B 199 -5.42 5.86 9.39
C ALA B 199 -6.28 4.78 10.02
N ARG B 200 -5.76 3.54 10.04
CA ARG B 200 -6.37 2.40 10.72
C ARG B 200 -5.31 1.72 11.57
N THR B 201 -5.71 1.19 12.72
CA THR B 201 -4.82 0.52 13.64
C THR B 201 -5.42 -0.77 14.19
N LYS B 202 -4.54 -1.62 14.69
CA LYS B 202 -4.91 -2.95 15.13
C LYS B 202 -3.86 -3.46 16.12
N ARG B 203 -4.31 -4.20 17.14
CA ARG B 203 -3.40 -4.96 18.00
C ARG B 203 -3.52 -6.44 17.71
N VAL B 204 -2.45 -7.05 17.21
CA VAL B 204 -2.38 -8.50 16.94
C VAL B 204 -1.67 -9.26 18.08
N ASN B 205 -0.53 -8.74 18.53
CA ASN B 205 0.27 -9.36 19.58
C ASN B 205 -0.50 -9.37 20.91
N PRO B 206 -0.82 -10.56 21.46
CA PRO B 206 -1.56 -10.58 22.75
C PRO B 206 -0.82 -10.03 23.97
N LYS B 207 0.52 -9.98 23.92
CA LYS B 207 1.36 -9.63 25.08
C LYS B 207 1.78 -8.15 25.15
N ILE B 208 1.06 -7.25 24.46
CA ILE B 208 1.32 -5.80 24.54
C ILE B 208 0.04 -5.02 24.80
N LYS B 209 0.22 -3.80 25.32
CA LYS B 209 -0.91 -2.90 25.58
C LYS B 209 -1.36 -2.16 24.32
N GLY B 210 -0.40 -1.74 23.47
CA GLY B 210 -0.68 -0.83 22.33
C GLY B 210 -0.84 -1.47 20.96
N GLU B 211 -1.12 -0.63 19.96
CA GLU B 211 -1.30 -1.07 18.57
C GLU B 211 0.04 -1.40 17.92
N ASP B 212 0.14 -2.56 17.28
CA ASP B 212 1.37 -2.98 16.59
C ASP B 212 1.25 -3.06 15.06
N VAL B 213 0.09 -2.68 14.52
CA VAL B 213 -0.13 -2.58 13.07
C VAL B 213 -0.83 -1.26 12.78
N ALA B 214 -0.33 -0.51 11.81
CA ALA B 214 -0.98 0.73 11.35
C ALA B 214 -0.85 0.92 9.85
N THR B 215 -1.96 1.24 9.19
CA THR B 215 -2.02 1.52 7.76
C THR B 215 -2.54 2.95 7.60
N ILE B 216 -1.82 3.79 6.86
CA ILE B 216 -2.13 5.22 6.74
C ILE B 216 -2.15 5.67 5.28
N LEU B 217 -3.12 6.51 4.93
CA LEU B 217 -3.28 7.04 3.56
C LEU B 217 -3.06 8.56 3.59
N LEU B 218 -2.11 9.05 2.79
CA LEU B 218 -1.71 10.46 2.82
C LEU B 218 -2.05 11.18 1.53
N ASP B 219 -2.75 12.31 1.67
CA ASP B 219 -2.97 13.24 0.56
C ASP B 219 -1.96 14.37 0.68
N HIS B 220 -0.97 14.36 -0.20
CA HIS B 220 0.12 15.34 -0.16
C HIS B 220 -0.35 16.64 -0.80
N GLN B 221 0.15 17.76 -0.29
CA GLN B 221 -0.17 19.08 -0.83
C GLN B 221 0.11 19.19 -2.32
N ASN B 222 1.17 18.55 -2.80
CA ASN B 222 1.53 18.55 -4.24
C ASN B 222 0.67 17.65 -5.15
N GLY B 223 -0.36 17.02 -4.59
CA GLY B 223 -1.27 16.19 -5.36
C GLY B 223 -0.98 14.70 -5.28
N ALA B 224 0.21 14.32 -4.82
CA ALA B 224 0.57 12.90 -4.73
C ALA B 224 -0.22 12.18 -3.63
N THR B 225 -0.39 10.87 -3.80
CA THR B 225 -1.00 10.00 -2.80
C THR B 225 0.05 9.01 -2.32
N SER B 226 0.15 8.79 -1.02
CA SER B 226 1.02 7.72 -0.51
C SER B 226 0.37 6.81 0.54
N ILE B 227 0.96 5.64 0.69
CA ILE B 227 0.57 4.66 1.68
C ILE B 227 1.75 4.54 2.63
N VAL B 228 1.47 4.69 3.93
CA VAL B 228 2.44 4.38 4.97
C VAL B 228 1.88 3.20 5.75
N ASP B 229 2.53 2.05 5.64
CA ASP B 229 2.09 0.84 6.35
C ASP B 229 3.24 0.35 7.22
N VAL B 230 2.94 0.16 8.50
CA VAL B 230 3.93 -0.30 9.49
C VAL B 230 3.34 -1.46 10.28
N SER B 231 4.18 -2.46 10.60
CA SER B 231 3.77 -3.62 11.36
C SER B 231 4.96 -4.16 12.16
N TYR B 232 4.70 -4.57 13.40
CA TYR B 232 5.62 -5.40 14.20
C TYR B 232 5.03 -6.79 14.47
N ALA B 233 4.01 -7.19 13.70
CA ALA B 233 3.42 -8.54 13.77
C ALA B 233 3.52 -9.28 12.42
N THR B 234 4.55 -8.96 11.64
CA THR B 234 4.73 -9.53 10.29
C THR B 234 5.85 -10.58 10.32
N LYS B 235 5.50 -11.84 10.06
CA LYS B 235 6.41 -12.97 10.15
C LYS B 235 6.84 -13.44 8.75
N LEU B 236 8.00 -12.95 8.32
CA LEU B 236 8.58 -13.26 7.02
C LEU B 236 9.72 -14.28 7.11
N GLY B 237 10.00 -14.94 5.98
CA GLY B 237 11.12 -15.89 5.87
C GLY B 237 12.51 -15.28 5.94
N THR B 238 12.63 -13.98 5.65
CA THR B 238 13.84 -13.20 5.87
C THR B 238 13.42 -11.90 6.59
N GLU B 239 13.98 -11.69 7.79
CA GLU B 239 13.62 -10.53 8.63
C GLU B 239 14.24 -9.24 8.07
N PRO B 240 13.40 -8.24 7.65
CA PRO B 240 13.98 -7.02 7.08
C PRO B 240 14.34 -5.92 8.09
N PHE B 241 14.09 -6.14 9.37
CA PHE B 241 14.40 -5.14 10.40
C PHE B 241 15.83 -4.62 10.21
N PRO B 242 16.05 -3.29 10.20
CA PRO B 242 15.05 -2.24 10.27
C PRO B 242 15.08 -1.41 8.99
N GLU B 243 14.76 -2.08 7.88
CA GLU B 243 14.74 -1.46 6.56
C GLU B 243 13.37 -0.88 6.28
N THR B 244 13.36 0.32 5.69
CA THR B 244 12.14 0.92 5.18
C THR B 244 12.13 0.75 3.67
N LEU B 245 11.09 0.08 3.17
CA LEU B 245 10.96 -0.21 1.73
C LEU B 245 10.10 0.86 1.07
N ILE B 246 10.56 1.40 -0.06
CA ILE B 246 9.98 2.61 -0.65
C ILE B 246 9.72 2.37 -2.11
N ASP B 247 8.48 2.63 -2.53
CA ASP B 247 8.10 2.66 -3.95
C ASP B 247 7.63 4.08 -4.29
N ILE B 248 8.12 4.64 -5.40
CA ILE B 248 7.66 5.94 -5.89
C ILE B 248 7.35 5.78 -7.38
N ASP B 249 6.19 6.26 -7.80
CA ASP B 249 5.82 6.31 -9.22
C ASP B 249 5.79 7.77 -9.64
N GLY B 250 6.38 8.07 -10.79
CA GLY B 250 6.42 9.42 -11.33
C GLY B 250 5.96 9.44 -12.76
N THR B 251 5.81 10.65 -13.31
CA THR B 251 5.35 10.83 -14.69
C THR B 251 6.25 10.17 -15.74
N GLN B 252 7.54 9.97 -15.41
CA GLN B 252 8.50 9.42 -16.40
C GLN B 252 9.25 8.17 -15.91
N GLY B 253 8.91 7.64 -14.75
CA GLY B 253 9.62 6.46 -14.24
C GLY B 253 9.17 6.00 -12.88
N THR B 254 9.94 5.09 -12.29
CA THR B 254 9.69 4.58 -10.95
C THR B 254 10.97 4.47 -10.14
N ILE B 255 10.83 4.48 -8.82
CA ILE B 255 11.88 4.11 -7.90
C ILE B 255 11.35 2.92 -7.08
N ARG B 256 12.20 1.90 -6.88
CA ARG B 256 11.87 0.73 -6.07
C ARG B 256 13.09 0.38 -5.19
N LEU B 257 13.02 0.82 -3.93
CA LEU B 257 14.00 0.46 -2.92
C LEU B 257 13.46 -0.76 -2.20
N SER B 258 14.05 -1.92 -2.46
CA SER B 258 13.56 -3.20 -1.94
C SER B 258 14.54 -3.82 -0.93
N GLN B 259 14.16 -4.98 -0.39
CA GLN B 259 14.86 -5.61 0.72
C GLN B 259 16.32 -5.91 0.36
N GLY B 260 17.24 -5.63 1.29
CA GLY B 260 18.66 -5.70 1.04
C GLY B 260 19.26 -4.45 0.41
N TYR B 261 18.62 -3.29 0.58
CA TYR B 261 19.10 -2.01 0.06
C TYR B 261 19.32 -2.00 -1.46
N ARG B 262 18.46 -2.70 -2.17
CA ARG B 262 18.49 -2.77 -3.62
C ARG B 262 17.65 -1.60 -4.15
N LEU B 263 18.30 -0.71 -4.90
CA LEU B 263 17.66 0.49 -5.44
C LEU B 263 17.53 0.38 -6.97
N GLU B 264 16.29 0.21 -7.45
CA GLU B 264 15.98 0.07 -8.86
C GLU B 264 15.29 1.35 -9.36
N VAL B 265 15.80 1.92 -10.44
CA VAL B 265 15.29 3.17 -11.01
C VAL B 265 15.08 2.95 -12.49
N THR B 266 13.83 3.07 -12.94
CA THR B 266 13.47 3.00 -14.35
C THR B 266 13.11 4.41 -14.79
N GLY B 267 13.70 4.87 -15.88
CA GLY B 267 13.42 6.19 -16.44
C GLY B 267 13.36 6.09 -17.94
N PRO B 268 13.40 7.24 -18.64
CA PRO B 268 13.44 7.23 -20.10
C PRO B 268 14.73 6.63 -20.72
N ASN B 269 15.84 6.61 -19.97
CA ASN B 269 17.11 6.01 -20.43
C ASN B 269 17.38 4.58 -19.92
N GLY B 270 16.31 3.84 -19.65
CA GLY B 270 16.41 2.45 -19.22
C GLY B 270 16.27 2.30 -17.72
N MET B 271 16.78 1.18 -17.20
CA MET B 271 16.69 0.85 -15.80
C MET B 271 18.07 0.59 -15.22
N THR B 272 18.35 1.24 -14.09
CA THR B 272 19.54 0.96 -13.32
C THR B 272 19.16 0.27 -12.01
N ILE B 273 20.10 -0.51 -11.50
CA ILE B 273 20.00 -1.21 -10.23
C ILE B 273 21.28 -0.91 -9.49
N SER B 274 21.19 -0.38 -8.28
CA SER B 274 22.39 -0.07 -7.51
C SER B 274 22.29 -0.55 -6.07
N ASP B 275 23.44 -0.66 -5.44
CA ASP B 275 23.51 -1.01 -4.02
C ASP B 275 23.40 0.30 -3.25
N ALA B 276 22.39 0.39 -2.39
CA ALA B 276 22.15 1.59 -1.58
C ALA B 276 22.38 1.33 -0.09
N SER B 277 23.21 0.34 0.23
CA SER B 277 23.36 -0.11 1.62
C SER B 277 24.28 0.82 2.37
N PRO B 278 24.20 0.82 3.70
CA PRO B 278 25.05 1.70 4.53
C PRO B 278 26.50 1.25 4.67
N GLN B 279 27.39 2.19 4.97
CA GLN B 279 28.73 1.87 5.47
C GLN B 279 28.58 1.31 6.88
N LEU B 280 29.24 0.18 7.15
CA LEU B 280 29.28 -0.41 8.49
C LEU B 280 30.43 0.23 9.27
N LEU B 281 30.11 1.10 10.22
CA LEU B 281 31.14 1.80 11.00
C LEU B 281 31.82 0.85 11.98
N SER B 282 33.01 1.24 12.45
CA SER B 282 33.82 0.40 13.35
C SER B 282 33.06 -0.02 14.62
N TRP B 283 32.27 0.90 15.16
CA TRP B 283 31.45 0.67 16.35
C TRP B 283 30.05 0.15 16.06
N ALA B 284 29.65 0.09 14.79
CA ALA B 284 28.31 -0.35 14.40
C ALA B 284 28.22 -1.88 14.39
N SER B 285 27.00 -2.40 14.25
CA SER B 285 26.72 -3.81 14.41
C SER B 285 25.40 -4.19 13.70
N ARG B 286 25.44 -5.18 12.81
CA ARG B 286 24.25 -5.57 12.04
C ARG B 286 23.15 -6.20 12.91
N PRO B 287 21.86 -6.00 12.57
CA PRO B 287 21.38 -5.21 11.42
C PRO B 287 21.08 -3.72 11.73
N TRP B 288 21.55 -3.22 12.88
CA TRP B 288 21.30 -1.82 13.31
C TRP B 288 22.21 -0.80 12.60
N HIS B 289 23.22 -1.27 11.86
CA HIS B 289 24.22 -0.40 11.21
C HIS B 289 23.64 0.67 10.28
N ASN B 290 22.46 0.39 9.76
CA ASN B 290 21.65 1.35 9.05
C ASN B 290 21.30 2.59 9.91
N ILE B 291 20.71 2.33 11.05
CA ILE B 291 20.30 3.36 11.99
C ILE B 291 21.54 4.06 12.59
N GLN B 292 22.57 3.26 12.87
CA GLN B 292 23.77 3.76 13.53
C GLN B 292 24.59 4.70 12.65
N GLU B 293 24.67 4.42 11.34
CA GLU B 293 25.29 5.37 10.41
C GLU B 293 24.53 6.71 10.39
N SER B 294 23.20 6.65 10.38
CA SER B 294 22.39 7.88 10.33
C SER B 294 22.58 8.79 11.55
N VAL B 295 22.92 8.19 12.70
CA VAL B 295 23.23 8.93 13.91
C VAL B 295 24.44 9.86 13.66
N LEU B 296 25.47 9.34 12.99
CA LEU B 296 26.64 10.14 12.59
C LEU B 296 26.29 11.23 11.59
N ALA B 297 25.55 10.85 10.56
CA ALA B 297 25.06 11.78 9.54
C ALA B 297 24.26 12.95 10.14
N ILE B 298 23.30 12.67 11.02
CA ILE B 298 22.47 13.75 11.58
C ILE B 298 23.24 14.61 12.58
N GLN B 299 24.17 14.02 13.34
CA GLN B 299 24.96 14.78 14.32
C GLN B 299 26.02 15.65 13.65
N GLN B 300 26.70 15.10 12.64
CA GLN B 300 27.58 15.90 11.78
C GLN B 300 26.80 17.03 11.09
N HIS B 301 25.60 16.72 10.62
CA HIS B 301 24.72 17.73 10.03
C HIS B 301 24.42 18.87 11.02
N TRP B 302 24.03 18.54 12.25
CA TRP B 302 23.83 19.52 13.32
C TRP B 302 25.05 20.42 13.53
N THR B 303 26.22 19.80 13.59
CA THR B 303 27.48 20.49 13.85
C THR B 303 27.84 21.46 12.71
N ASP B 304 27.64 21.03 11.46
CA ASP B 304 27.82 21.89 10.27
C ASP B 304 26.90 23.10 10.30
N ARG B 305 25.63 22.87 10.63
CA ARG B 305 24.61 23.93 10.65
C ARG B 305 24.75 24.89 11.82
N LEU B 306 25.29 24.40 12.93
CA LEU B 306 25.61 25.24 14.06
C LEU B 306 26.78 26.19 13.72
N SER B 307 27.71 25.74 12.89
CA SER B 307 28.81 26.58 12.40
C SER B 307 28.35 27.57 11.32
N SER B 308 27.63 27.09 10.32
CA SER B 308 27.13 27.94 9.24
C SER B 308 25.95 28.83 9.68
N GLY B 309 25.25 28.46 10.74
CA GLY B 309 24.10 29.22 11.24
C GLY B 309 22.84 29.06 10.41
N GLY B 310 22.72 27.96 9.67
CA GLY B 310 21.49 27.64 8.92
C GLY B 310 20.54 26.75 9.72
N GLU B 311 19.29 26.67 9.27
CA GLU B 311 18.28 25.84 9.92
C GLU B 311 18.52 24.37 9.57
N THR B 312 18.36 23.49 10.56
CA THR B 312 18.55 22.05 10.35
C THR B 312 17.38 21.45 9.57
N SER B 313 17.57 20.23 9.10
CA SER B 313 16.62 19.55 8.23
C SER B 313 15.43 19.03 9.03
N THR B 314 15.70 18.41 10.18
CA THR B 314 14.64 18.00 11.13
C THR B 314 14.64 18.96 12.32
N SER B 315 14.48 20.25 12.01
CA SER B 315 14.39 21.29 13.04
C SER B 315 13.07 21.14 13.78
N GLY B 316 13.02 21.70 14.99
CA GLY B 316 11.78 21.73 15.78
C GLY B 316 10.56 22.15 14.96
N ALA B 317 10.71 23.23 14.20
CA ALA B 317 9.63 23.78 13.37
C ALA B 317 9.19 22.83 12.27
N ASP B 318 10.17 22.21 11.60
CA ASP B 318 9.88 21.18 10.61
C ASP B 318 9.19 19.99 11.26
N ASN B 319 9.72 19.52 12.38
CA ASN B 319 9.24 18.28 13.01
C ASN B 319 7.80 18.36 13.52
N LEU B 320 7.29 19.58 13.77
CA LEU B 320 5.87 19.79 14.07
C LEU B 320 4.97 19.22 12.97
N LYS B 321 5.40 19.36 11.71
CA LYS B 321 4.63 18.88 10.57
C LYS B 321 4.67 17.36 10.41
N THR B 322 5.70 16.71 10.96
CA THR B 322 5.70 15.25 11.14
C THR B 322 4.86 14.83 12.35
N PHE B 323 5.04 15.54 13.46
CA PHE B 323 4.35 15.18 14.70
C PHE B 323 2.83 15.32 14.58
N ALA B 324 2.38 16.36 13.86
CA ALA B 324 0.96 16.51 13.52
C ALA B 324 0.36 15.26 12.87
N LEU B 325 1.15 14.58 12.02
CA LEU B 325 0.69 13.38 11.33
C LEU B 325 0.52 12.18 12.29
N VAL B 326 1.42 12.04 13.27
CA VAL B 326 1.30 11.02 14.33
C VAL B 326 0.00 11.24 15.11
N GLU B 327 -0.19 12.48 15.56
CA GLU B 327 -1.38 12.87 16.31
C GLU B 327 -2.66 12.66 15.48
N ALA B 328 -2.61 13.12 14.23
CA ALA B 328 -3.74 12.95 13.30
C ALA B 328 -4.09 11.48 13.06
N ALA B 329 -3.08 10.61 13.02
CA ALA B 329 -3.27 9.19 12.75
C ALA B 329 -3.98 8.47 13.89
N TYR B 330 -3.58 8.76 15.12
CA TYR B 330 -4.28 8.26 16.31
C TYR B 330 -5.73 8.72 16.36
N GLU B 331 -5.96 9.99 15.99
CA GLU B 331 -7.30 10.56 15.93
C GLU B 331 -8.16 9.86 14.88
N SER B 332 -7.62 9.78 13.65
CA SER B 332 -8.32 9.12 12.54
C SER B 332 -8.70 7.67 12.85
N ALA B 333 -7.77 6.94 13.45
CA ALA B 333 -7.97 5.52 13.78
C ALA B 333 -9.09 5.32 14.79
N ALA B 334 -9.20 6.21 15.78
CA ALA B 334 -10.29 6.18 16.77
C ALA B 334 -11.64 6.64 16.17
N ASN B 335 -11.63 7.79 15.49
CA ASN B 335 -12.83 8.36 14.84
C ASN B 335 -13.36 7.56 13.65
N GLY B 336 -12.45 6.95 12.89
CA GLY B 336 -12.76 6.41 11.58
C GLY B 336 -12.82 7.48 10.49
N ARG B 337 -12.35 8.69 10.79
CA ARG B 337 -12.53 9.85 9.91
C ARG B 337 -11.21 10.37 9.33
N THR B 338 -11.30 11.08 8.20
CA THR B 338 -10.16 11.75 7.59
C THR B 338 -9.85 13.05 8.35
N VAL B 339 -8.58 13.32 8.60
CA VAL B 339 -8.16 14.47 9.42
C VAL B 339 -7.43 15.52 8.58
N ASP B 340 -7.81 16.79 8.78
CA ASP B 340 -7.16 17.92 8.13
C ASP B 340 -5.91 18.30 8.93
N ILE B 341 -4.75 18.20 8.28
CA ILE B 341 -3.47 18.48 8.94
C ILE B 341 -3.26 19.99 9.12
N GLY B 342 -3.60 20.76 8.08
CA GLY B 342 -3.47 22.22 8.09
C GLY B 342 -4.18 22.93 9.24
N ALA B 343 -5.34 22.40 9.64
CA ALA B 343 -6.13 22.93 10.76
C ALA B 343 -5.53 22.64 12.15
N MET B 344 -4.63 21.66 12.24
CA MET B 344 -3.94 21.35 13.51
C MET B 344 -2.75 22.25 13.79
N LEU B 345 -2.12 22.77 12.73
CA LEU B 345 -0.85 23.49 12.86
C LEU B 345 -1.05 25.00 13.03
PA NAD C . -15.31 -4.59 -28.09
O1A NAD C . -15.83 -3.21 -28.41
O2A NAD C . -14.06 -5.12 -28.76
O5B NAD C . -16.48 -5.66 -28.37
C5B NAD C . -17.86 -5.40 -28.15
C4B NAD C . -18.65 -5.98 -29.33
O4B NAD C . -20.03 -6.04 -29.01
C3B NAD C . -18.50 -5.13 -30.59
O3B NAD C . -18.07 -5.98 -31.67
C2B NAD C . -19.89 -4.56 -30.86
O2B NAD C . -20.21 -4.53 -32.25
C1B NAD C . -20.80 -5.50 -30.10
N9A NAD C . -22.04 -4.96 -29.51
C8A NAD C . -22.19 -3.86 -28.74
N7A NAD C . -23.49 -3.72 -28.36
C5A NAD C . -24.18 -4.76 -28.88
C6A NAD C . -25.59 -5.24 -28.90
N6A NAD C . -26.58 -4.57 -28.25
N1A NAD C . -25.87 -6.37 -29.57
C2A NAD C . -24.93 -7.07 -30.24
N3A NAD C . -23.63 -6.69 -30.28
C4A NAD C . -23.22 -5.57 -29.64
O3 NAD C . -15.13 -4.67 -26.49
PN NAD C . -14.20 -5.75 -25.75
O1N NAD C . -12.83 -5.15 -25.59
O2N NAD C . -14.33 -7.10 -26.42
O5D NAD C . -14.89 -5.80 -24.30
C5D NAD C . -16.20 -6.30 -24.13
C4D NAD C . -16.50 -6.45 -22.64
O4D NAD C . -15.57 -7.39 -22.07
C3D NAD C . -16.34 -5.14 -21.90
O3D NAD C . -17.48 -4.93 -21.04
C2D NAD C . -15.05 -5.28 -21.11
O2D NAD C . -15.10 -4.63 -19.84
C1D NAD C . -14.89 -6.79 -20.95
N1N NAD C . -13.52 -7.32 -20.91
C2N NAD C . -13.26 -8.26 -19.97
C3N NAD C . -12.01 -8.84 -19.83
C7N NAD C . -11.80 -9.89 -18.77
O7N NAD C . -12.74 -10.62 -18.47
N7N NAD C . -10.63 -10.05 -18.16
C4N NAD C . -11.00 -8.43 -20.70
C5N NAD C . -11.26 -7.47 -21.66
C6N NAD C . -12.54 -6.92 -21.75
OXT 89V D . -10.81 -6.24 -17.65
C 89V D . -9.77 -6.64 -18.20
O 89V D . -9.29 -7.77 -17.99
CA 89V D . -9.07 -5.76 -19.21
CB 89V D . -7.75 -5.15 -18.70
CG2 89V D . -6.96 -4.63 -19.90
CG1 89V D . -6.86 -6.10 -17.88
O1 89V D . -8.00 -4.02 -17.85
O2 89V D . -9.97 -4.72 -19.62
MG MG E . -16.79 -27.23 -25.64
PA NAD F . 16.50 4.36 27.92
O1A NAD F . 15.49 4.10 29.01
O2A NAD F . 17.55 3.31 27.64
O5B NAD F . 17.28 5.73 28.19
C5B NAD F . 16.74 6.88 28.85
C4B NAD F . 17.73 7.28 29.92
O4B NAD F . 17.47 8.61 30.39
C3B NAD F . 17.67 6.36 31.13
O3B NAD F . 18.97 5.83 31.40
C2B NAD F . 17.17 7.23 32.28
O2B NAD F . 17.83 6.91 33.50
C1B NAD F . 17.49 8.65 31.82
N9A NAD F . 16.58 9.74 32.22
C8A NAD F . 15.23 9.75 32.17
N7A NAD F . 14.75 10.95 32.58
C5A NAD F . 15.81 11.74 32.88
C6A NAD F . 16.04 13.12 33.37
N6A NAD F . 15.00 13.97 33.64
N1A NAD F . 17.32 13.54 33.54
C2A NAD F . 18.38 12.73 33.29
N3A NAD F . 18.23 11.47 32.85
C4A NAD F . 17.01 10.93 32.62
O3 NAD F . 15.68 4.74 26.58
PN NAD F . 16.28 4.57 25.10
O1N NAD F . 15.79 3.26 24.55
O2N NAD F . 17.76 4.89 25.10
O5D NAD F . 15.53 5.74 24.30
C5D NAD F . 15.69 7.09 24.68
C4D NAD F . 14.99 7.96 23.63
O4D NAD F . 15.57 7.69 22.34
C3D NAD F . 13.50 7.66 23.54
O3D NAD F . 12.76 8.88 23.58
C2D NAD F . 13.33 6.92 22.23
O2D NAD F . 12.10 7.26 21.58
C1D NAD F . 14.55 7.33 21.40
N1N NAD F . 15.10 6.34 20.47
C2N NAD F . 15.44 6.74 19.23
C3N NAD F . 15.99 5.90 18.28
C7N NAD F . 16.33 6.43 16.92
O7N NAD F . 16.55 7.62 16.79
N7N NAD F . 16.44 5.64 15.85
C4N NAD F . 16.21 4.56 18.65
C5N NAD F . 15.88 4.15 19.94
C6N NAD F . 15.33 5.05 20.84
OXT 89V G . 13.18 4.72 16.76
C 89V G . 13.80 3.63 16.67
O 89V G . 14.70 3.43 15.82
CA 89V G . 13.44 2.52 17.63
CB 89V G . 12.68 1.38 16.94
CG2 89V G . 13.61 0.51 16.10
CG1 89V G . 11.52 1.89 16.10
O1 89V G . 12.14 0.52 17.96
O2 89V G . 12.67 3.07 18.71
MG MG H . 34.24 14.35 17.84
#